data_6WCQ
#
_entry.id   6WCQ
#
_cell.length_a   1.00
_cell.length_b   1.00
_cell.length_c   1.00
_cell.angle_alpha   90.00
_cell.angle_beta   90.00
_cell.angle_gamma   90.00
#
_symmetry.space_group_name_H-M   'P 1'
#
loop_
_entity.id
_entity.type
_entity.pdbx_description
1 polymer 'S-phase kinase-associated protein 1'
2 polymer 'F-box/LRR-repeat protein 17'
3 polymer 'Kelch-like ECH-associated protein 1'
4 polymer Cullin-1
#
loop_
_entity_poly.entity_id
_entity_poly.type
_entity_poly.pdbx_seq_one_letter_code
_entity_poly.pdbx_strand_id
1 'polypeptide(L)'
;MPSIKLQSSDGEIFEVDVEIAKQSVTIKTMLEDLGMDDEGDDDPVPLPNVNAAILKKVIQWCTHHKDDPPPPEDDENKEK
RTDDIPVWDQEFLKVDQGTLFELILAANYLDIKGLLDVTCKTVANMIKGKTPEEIRKTFNIKNDFTEEEEAQVRKENQWC
EEK
;
A
2 'polypeptide(L)'
;GEFMCHREPPPETPDINQLPPSILLKIFSNLSLDERCLSASLVCKYWRDLCLDFQFWKQLDLSSRQQVTDELLEKIASRS
QNIIEINISDCRSMSDNGVCVLAFKCPGLLRYTAYRCKQLSDTSIIAVASHCPLLQKVHVGNQDKLTDEGLKQLGSKCRE
LKDIHFGQCYKISDEGMIVIAKGCLKLQRIYMQENKLVTDQSVKAFAEHCPELQYVGFMGCSVTSKGVIHLTKLRNLSSL
DLRHITELDNETVMEIVKRCKNLSSLNLCLNWIINDRCVEVIAKEGQNLKELYLVSCKITDYALIAIGRYSMTIETVDVG
WCKEITDQGATLIAQSSKSLRYLGLMRCDKVNEVTVEQLVQQYPHITFSTVLQDCKRTLERAYQMGWTPNMSAASS
;
B
3 'polypeptide(L)'
;GGGSGGSMQPDPRPSGAGACCRFLPLQSQCPEGAGDAVMYASTECKAEVTPSQHGNRTFSYTLEDHTKQAFGIMNELRLS
QQLCDVTLQVKYQDAPAAQFMAHKVALASSSPVFKAMFTNGLREQGMEVVSIEGIHPKVMERLIEFAYTASISMGEKCVL
HVMNGAVMYQIDSVVRACSDFLVQQLDPSNAIGIANFAEQIGCVELHQRAREYIYMHFGEVAKQEEFFNLSHCQLVTLIS
RDDLNVRCESEVFHACINWVKYDCEQRRFYVQALLRAVRCHSLTPNFLQMQLQKCEILQSDSRCKDYLVKIFEELTLHKP
TQVMPCRAPKVGRLIYTAGGYFRQSLSYLEAYNPSDGTWLRLADLQVPRSGLAGCVVGGLLYAVGGRNNSPDGNTDSSAL
DCYNPMTNQWSPCAPMSVPRNRIGVGVIDGHIYAVGGSHGCIHHNSVERYEPERDEWHLVAPMLTRRIGVGVAVLNRLLY
AVGGFDGTNRLNSAECYYPERNEWRMITAMNTIRSGAGVCVLHNCIYAAGGYDGQDQLNSVERYDVETETWTFVAPMKHR
RSALGITVHQGRIYVLGGYDGHTFLDSVECYDPDTDTWSEVTRMTSGRSGVGVAVTMEPCRKQIDQQNCTC
;
C
4 'polypeptide(L)'
;MSSTRSQNPHGLKQIGLDQIWDDLRAGIQQVYTRQSMAKSRYMELYTHVYNYCTSVHQSNQARGAGVPPSKSKKGQTPGG
AQFVGLELYKRLKEFLKNYLTNLLKDGEDLMDESVLKFYTQQWEDYRFSSKVLNGICAYLNRHWVRRECDEGRKGIYEIY
SLALVTWRDCLFRPLNKQVTNAVLKLIEKERNGETINTRLISGVVQSYVELGLNEDDAFAKGPTLTVYKESFESQFLADT
ERFYTRESTEFLQQNPVTEYMKKAEARLLEEQRRVQVYLHESTQDELARKCEQVLIEKHLEIFHTEFQNLLDADKNEDLG
RMYNLVSRIQDGLGELKKLLETHIHNQGLAAIEKCGEAALNDPKMYVQTVLDVHKKYNALVMSAFNNDAGFVAALDKACG
RFINNNAVTKMAQSSSKSPELLARYCDSLLKKSS
;
D
#
# COMPACT_ATOMS: atom_id res chain seq x y z
N PRO A 2 21.10 -29.65 -13.89
CA PRO A 2 20.98 -29.44 -12.45
C PRO A 2 20.83 -30.75 -11.68
N SER A 3 21.60 -30.91 -10.61
CA SER A 3 21.56 -32.12 -9.80
C SER A 3 22.18 -31.83 -8.44
N ILE A 4 21.50 -32.25 -7.38
CA ILE A 4 21.97 -32.08 -6.01
C ILE A 4 21.77 -33.39 -5.26
N LYS A 5 22.80 -33.81 -4.54
CA LYS A 5 22.80 -35.08 -3.82
C LYS A 5 22.74 -34.80 -2.32
N LEU A 6 21.62 -35.14 -1.70
CA LEU A 6 21.42 -34.98 -0.27
C LEU A 6 21.67 -36.30 0.46
N GLN A 7 22.09 -36.20 1.71
CA GLN A 7 22.31 -37.36 2.56
C GLN A 7 21.45 -37.24 3.81
N SER A 8 20.77 -38.32 4.16
CA SER A 8 19.85 -38.33 5.29
C SER A 8 20.60 -38.62 6.59
N SER A 9 19.85 -38.68 7.70
CA SER A 9 20.46 -38.91 9.00
C SER A 9 20.87 -40.36 9.20
N ASP A 10 20.24 -41.30 8.50
CA ASP A 10 20.53 -42.72 8.68
C ASP A 10 21.57 -43.26 7.70
N GLY A 11 21.92 -42.51 6.66
CA GLY A 11 23.00 -42.91 5.78
C GLY A 11 22.62 -43.12 4.33
N GLU A 12 21.40 -42.78 3.95
CA GLU A 12 20.94 -42.93 2.58
C GLU A 12 21.12 -41.62 1.81
N ILE A 13 21.38 -41.76 0.51
CA ILE A 13 21.66 -40.63 -0.37
C ILE A 13 20.57 -40.55 -1.43
N PHE A 14 20.03 -39.36 -1.64
CA PHE A 14 19.00 -39.11 -2.64
C PHE A 14 19.47 -37.99 -3.56
N GLU A 15 19.50 -38.26 -4.85
CA GLU A 15 19.91 -37.29 -5.86
C GLU A 15 18.67 -36.76 -6.56
N VAL A 16 18.44 -35.45 -6.47
CA VAL A 16 17.25 -34.81 -6.99
C VAL A 16 17.63 -33.55 -7.76
N ASP A 17 16.62 -32.86 -8.27
CA ASP A 17 16.81 -31.64 -9.04
C ASP A 17 17.16 -30.48 -8.13
N VAL A 18 17.86 -29.49 -8.69
CA VAL A 18 18.28 -28.34 -7.91
C VAL A 18 17.09 -27.46 -7.56
N GLU A 19 16.15 -27.28 -8.51
CA GLU A 19 15.00 -26.42 -8.24
C GLU A 19 14.02 -27.06 -7.25
N ILE A 20 13.89 -28.39 -7.30
CA ILE A 20 13.00 -29.07 -6.37
C ILE A 20 13.51 -28.92 -4.95
N ALA A 21 14.84 -28.98 -4.77
CA ALA A 21 15.42 -28.64 -3.48
C ALA A 21 15.35 -27.15 -3.19
N LYS A 22 15.27 -26.32 -4.23
CA LYS A 22 15.07 -24.89 -4.05
C LYS A 22 13.67 -24.56 -3.54
N GLN A 23 12.72 -25.48 -3.67
CA GLN A 23 11.44 -25.30 -3.00
C GLN A 23 11.62 -25.16 -1.50
N SER A 24 12.54 -25.93 -0.93
CA SER A 24 12.90 -25.78 0.48
C SER A 24 13.78 -24.54 0.65
N VAL A 25 13.32 -23.60 1.48
CA VAL A 25 14.06 -22.36 1.69
C VAL A 25 15.41 -22.65 2.33
N THR A 26 15.46 -23.59 3.27
CA THR A 26 16.71 -23.91 3.93
C THR A 26 17.71 -24.53 2.97
N ILE A 27 17.25 -25.44 2.11
CA ILE A 27 18.15 -26.12 1.18
C ILE A 27 18.69 -25.13 0.15
N LYS A 28 17.83 -24.27 -0.39
CA LYS A 28 18.31 -23.29 -1.36
C LYS A 28 19.21 -22.26 -0.70
N THR A 29 18.96 -21.93 0.57
CA THR A 29 19.83 -21.00 1.28
C THR A 29 21.23 -21.60 1.49
N MET A 30 21.27 -22.86 1.96
CA MET A 30 22.55 -23.52 2.15
C MET A 30 23.27 -23.76 0.83
N LEU A 31 22.54 -23.94 -0.27
CA LEU A 31 23.20 -24.10 -1.56
C LEU A 31 23.77 -22.77 -2.05
N GLU A 32 22.99 -21.69 -1.96
CA GLU A 32 23.46 -20.38 -2.41
C GLU A 32 24.66 -19.92 -1.59
N ASP A 33 24.64 -20.16 -0.28
CA ASP A 33 25.81 -19.85 0.53
C ASP A 33 26.97 -20.79 0.23
N LEU A 34 26.68 -22.06 -0.03
CA LEU A 34 27.73 -23.06 -0.19
C LEU A 34 28.29 -23.05 -1.61
N GLY A 35 27.44 -23.35 -2.60
CA GLY A 35 27.91 -23.66 -3.93
C GLY A 35 27.66 -22.64 -5.02
N MET A 36 27.84 -21.35 -4.71
CA MET A 36 27.77 -20.34 -5.77
C MET A 36 28.96 -20.46 -6.71
N ASP A 37 30.13 -20.83 -6.18
CA ASP A 37 31.32 -21.04 -6.97
C ASP A 37 31.30 -22.47 -7.52
N ASP A 38 32.42 -22.92 -8.10
CA ASP A 38 32.46 -24.24 -8.71
C ASP A 38 32.28 -25.33 -7.66
N GLU A 39 31.47 -26.33 -7.99
CA GLU A 39 31.19 -27.42 -7.06
C GLU A 39 32.41 -28.32 -6.88
N GLY A 40 32.62 -28.77 -5.64
CA GLY A 40 33.71 -29.68 -5.34
C GLY A 40 33.36 -31.13 -5.58
N ASP A 41 33.29 -31.53 -6.85
CA ASP A 41 32.97 -32.90 -7.25
C ASP A 41 31.61 -33.36 -6.73
N ASP A 42 30.70 -32.41 -6.53
CA ASP A 42 29.34 -32.68 -6.08
C ASP A 42 29.34 -33.49 -4.77
N ASP A 43 29.93 -32.87 -3.75
CA ASP A 43 29.94 -33.49 -2.44
C ASP A 43 28.51 -33.57 -1.88
N PRO A 44 28.21 -34.59 -1.09
CA PRO A 44 26.85 -34.78 -0.60
C PRO A 44 26.48 -33.75 0.46
N VAL A 45 25.19 -33.45 0.53
CA VAL A 45 24.63 -32.51 1.49
C VAL A 45 23.96 -33.31 2.61
N PRO A 46 24.45 -33.26 3.84
CA PRO A 46 23.86 -34.09 4.90
C PRO A 46 22.67 -33.43 5.60
N LEU A 47 21.58 -34.19 5.76
CA LEU A 47 20.41 -33.74 6.50
C LEU A 47 20.26 -34.65 7.72
N PRO A 48 20.93 -34.33 8.83
CA PRO A 48 20.91 -35.20 10.01
C PRO A 48 19.65 -35.09 10.84
N ASN A 49 18.68 -34.26 10.46
CA ASN A 49 17.42 -34.15 11.19
C ASN A 49 16.25 -34.78 10.45
N VAL A 50 16.48 -35.39 9.29
CA VAL A 50 15.44 -36.08 8.54
C VAL A 50 16.00 -37.44 8.12
N ASN A 51 15.23 -38.50 8.38
CA ASN A 51 15.64 -39.85 8.00
C ASN A 51 15.33 -40.10 6.53
N ALA A 52 15.43 -41.36 6.09
CA ALA A 52 15.33 -41.66 4.67
C ALA A 52 13.89 -41.66 4.19
N ALA A 53 12.99 -42.28 4.94
CA ALA A 53 11.60 -42.39 4.49
C ALA A 53 10.91 -41.04 4.44
N ILE A 54 11.10 -40.22 5.47
CA ILE A 54 10.47 -38.89 5.49
C ILE A 54 11.09 -38.01 4.41
N LEU A 55 12.39 -38.13 4.17
CA LEU A 55 13.02 -37.36 3.10
C LEU A 55 12.47 -37.79 1.75
N LYS A 56 12.22 -39.08 1.56
CA LYS A 56 11.62 -39.55 0.32
C LYS A 56 10.20 -39.02 0.14
N LYS A 57 9.42 -39.02 1.23
CA LYS A 57 8.08 -38.45 1.16
C LYS A 57 8.12 -36.97 0.80
N VAL A 58 9.04 -36.23 1.41
CA VAL A 58 9.17 -34.80 1.12
C VAL A 58 9.61 -34.58 -0.33
N ILE A 59 10.51 -35.43 -0.82
CA ILE A 59 10.95 -35.33 -2.21
C ILE A 59 9.78 -35.58 -3.16
N GLN A 60 8.96 -36.59 -2.85
CA GLN A 60 7.78 -36.85 -3.68
C GLN A 60 6.82 -35.66 -3.66
N TRP A 61 6.57 -35.10 -2.48
CA TRP A 61 5.66 -33.96 -2.38
C TRP A 61 6.19 -32.76 -3.16
N CYS A 62 7.48 -32.48 -3.05
CA CYS A 62 8.05 -31.34 -3.77
C CYS A 62 8.11 -31.61 -5.27
N THR A 63 8.22 -32.87 -5.67
CA THR A 63 8.19 -33.20 -7.10
C THR A 63 6.80 -32.98 -7.67
N HIS A 64 5.76 -33.38 -6.93
CA HIS A 64 4.40 -33.11 -7.39
C HIS A 64 4.09 -31.62 -7.37
N HIS A 65 4.52 -30.91 -6.33
CA HIS A 65 4.29 -29.46 -6.24
C HIS A 65 5.50 -28.68 -6.73
N LYS A 66 5.82 -28.80 -8.02
CA LYS A 66 6.94 -28.06 -8.59
C LYS A 66 6.51 -26.91 -9.49
N ASP A 67 5.22 -26.75 -9.73
CA ASP A 67 4.71 -25.68 -10.59
C ASP A 67 3.77 -24.72 -9.85
N ASP A 68 3.65 -24.86 -8.53
CA ASP A 68 2.73 -24.00 -7.78
C ASP A 68 3.29 -22.59 -7.71
N PRO A 69 2.54 -21.57 -8.12
CA PRO A 69 3.03 -20.19 -8.03
C PRO A 69 2.77 -19.61 -6.65
N PRO A 70 3.83 -19.24 -5.93
CA PRO A 70 3.65 -18.62 -4.61
C PRO A 70 3.35 -17.12 -4.76
N PRO A 71 2.19 -16.67 -4.29
CA PRO A 71 1.81 -15.25 -4.38
C PRO A 71 2.53 -14.38 -3.35
N ASN A 77 0.62 -15.15 2.01
CA ASN A 77 1.33 -15.12 3.29
C ASN A 77 0.38 -14.95 4.49
N LYS A 78 -0.64 -14.10 4.31
CA LYS A 78 -1.56 -13.73 5.38
C LYS A 78 -2.98 -13.59 4.79
N GLU A 79 -3.58 -14.73 4.47
CA GLU A 79 -4.91 -14.78 3.87
C GLU A 79 -5.87 -15.57 4.77
N LYS A 80 -7.12 -15.65 4.33
CA LYS A 80 -8.14 -16.34 5.11
C LYS A 80 -7.92 -17.86 5.08
N ARG A 81 -8.46 -18.54 6.08
CA ARG A 81 -8.31 -19.97 6.24
C ARG A 81 -9.54 -20.69 5.69
N THR A 82 -9.23 -21.75 4.93
CA THR A 82 -10.28 -22.51 4.26
C THR A 82 -9.88 -23.99 4.33
N ASP A 83 -10.59 -24.82 3.56
CA ASP A 83 -10.36 -26.26 3.55
C ASP A 83 -10.02 -26.75 2.14
N ASP A 84 -9.27 -25.95 1.39
CA ASP A 84 -8.87 -26.33 0.03
C ASP A 84 -8.20 -27.69 0.00
N ILE A 85 -7.04 -27.82 0.65
CA ILE A 85 -6.30 -29.07 0.88
C ILE A 85 -6.40 -29.98 -0.34
N PRO A 86 -5.70 -29.66 -1.43
CA PRO A 86 -5.91 -30.37 -2.70
C PRO A 86 -5.81 -31.89 -2.56
N VAL A 87 -6.49 -32.58 -3.48
CA VAL A 87 -6.74 -34.02 -3.35
C VAL A 87 -5.44 -34.79 -3.23
N TRP A 88 -4.45 -34.45 -4.06
CA TRP A 88 -3.19 -35.18 -4.03
C TRP A 88 -2.49 -35.04 -2.68
N ASP A 89 -2.59 -33.86 -2.05
CA ASP A 89 -2.02 -33.68 -0.73
C ASP A 89 -2.74 -34.56 0.29
N GLN A 90 -4.05 -34.72 0.15
CA GLN A 90 -4.79 -35.59 1.05
C GLN A 90 -4.36 -37.05 0.88
N GLU A 91 -4.31 -37.52 -0.37
CA GLU A 91 -3.88 -38.89 -0.63
C GLU A 91 -2.46 -39.13 -0.15
N PHE A 92 -1.60 -38.10 -0.24
CA PHE A 92 -0.22 -38.25 0.21
C PHE A 92 -0.13 -38.29 1.74
N LEU A 93 -1.01 -37.56 2.42
CA LEU A 93 -1.00 -37.52 3.88
C LEU A 93 -1.85 -38.60 4.52
N LYS A 94 -2.23 -39.64 3.76
CA LYS A 94 -2.97 -40.77 4.32
C LYS A 94 -1.98 -41.76 4.94
N VAL A 95 -1.36 -41.31 6.04
CA VAL A 95 -0.36 -42.08 6.76
C VAL A 95 -0.74 -42.08 8.24
N ASP A 96 0.08 -42.75 9.05
CA ASP A 96 -0.14 -42.81 10.48
C ASP A 96 0.25 -41.49 11.14
N GLN A 97 0.05 -41.41 12.46
CA GLN A 97 0.35 -40.18 13.18
C GLN A 97 1.85 -39.93 13.25
N GLY A 98 2.65 -40.99 13.40
CA GLY A 98 4.09 -40.81 13.47
C GLY A 98 4.67 -40.21 12.19
N THR A 99 4.26 -40.75 11.04
CA THR A 99 4.73 -40.22 9.77
C THR A 99 4.27 -38.78 9.57
N LEU A 100 3.04 -38.47 9.99
CA LEU A 100 2.54 -37.09 9.86
C LEU A 100 3.34 -36.13 10.73
N PHE A 101 3.66 -36.53 11.97
CA PHE A 101 4.44 -35.66 12.84
C PHE A 101 5.86 -35.50 12.31
N GLU A 102 6.43 -36.57 11.75
CA GLU A 102 7.78 -36.46 11.17
C GLU A 102 7.76 -35.56 9.94
N LEU A 103 6.68 -35.61 9.15
CA LEU A 103 6.56 -34.70 8.02
C LEU A 103 6.41 -33.26 8.48
N ILE A 104 5.68 -33.04 9.58
CA ILE A 104 5.58 -31.70 10.16
C ILE A 104 6.96 -31.21 10.58
N LEU A 105 7.73 -32.07 11.25
CA LEU A 105 9.07 -31.70 11.69
C LEU A 105 9.99 -31.40 10.51
N ALA A 106 9.86 -32.18 9.43
CA ALA A 106 10.70 -31.96 8.26
C ALA A 106 10.32 -30.66 7.54
N ALA A 107 9.02 -30.40 7.41
CA ALA A 107 8.58 -29.16 6.76
C ALA A 107 8.95 -27.94 7.57
N ASN A 108 8.98 -28.05 8.90
CA ASN A 108 9.45 -26.95 9.72
C ASN A 108 10.97 -26.82 9.66
N TYR A 109 11.69 -27.93 9.53
CA TYR A 109 13.14 -27.89 9.44
C TYR A 109 13.59 -27.42 8.07
N LEU A 110 13.06 -28.04 7.01
CA LEU A 110 13.41 -27.67 5.64
C LEU A 110 12.78 -26.35 5.20
N ASP A 111 11.91 -25.75 6.02
CA ASP A 111 11.25 -24.49 5.72
C ASP A 111 10.46 -24.59 4.41
N ILE A 112 9.51 -25.52 4.40
CA ILE A 112 8.60 -25.74 3.27
C ILE A 112 7.23 -25.24 3.71
N LYS A 113 6.88 -24.02 3.29
CA LYS A 113 5.66 -23.39 3.80
C LYS A 113 4.41 -24.12 3.31
N GLY A 114 4.43 -24.63 2.08
CA GLY A 114 3.25 -25.30 1.56
C GLY A 114 2.94 -26.60 2.30
N LEU A 115 3.97 -27.45 2.46
CA LEU A 115 3.77 -28.70 3.18
C LEU A 115 3.41 -28.43 4.63
N LEU A 116 4.03 -27.42 5.24
CA LEU A 116 3.68 -27.05 6.60
C LEU A 116 2.21 -26.66 6.71
N ASP A 117 1.74 -25.81 5.79
CA ASP A 117 0.34 -25.39 5.80
C ASP A 117 -0.59 -26.59 5.64
N VAL A 118 -0.29 -27.47 4.68
CA VAL A 118 -1.18 -28.61 4.42
C VAL A 118 -1.22 -29.54 5.63
N THR A 119 -0.06 -29.83 6.23
CA THR A 119 -0.04 -30.73 7.37
C THR A 119 -0.70 -30.11 8.60
N CYS A 120 -0.50 -28.81 8.81
CA CYS A 120 -1.16 -28.15 9.94
C CYS A 120 -2.67 -28.13 9.75
N LYS A 121 -3.13 -27.93 8.51
CA LYS A 121 -4.57 -27.98 8.26
C LYS A 121 -5.12 -29.38 8.47
N THR A 122 -4.34 -30.40 8.08
CA THR A 122 -4.77 -31.78 8.33
C THR A 122 -4.89 -32.04 9.83
N VAL A 123 -3.91 -31.61 10.61
CA VAL A 123 -3.96 -31.82 12.06
C VAL A 123 -5.13 -31.05 12.67
N ALA A 124 -5.38 -29.83 12.18
CA ALA A 124 -6.49 -29.04 12.71
C ALA A 124 -7.83 -29.67 12.38
N ASN A 125 -7.98 -30.22 11.17
CA ASN A 125 -9.19 -30.94 10.83
C ASN A 125 -9.34 -32.20 11.69
N MET A 126 -8.22 -32.84 12.02
CA MET A 126 -8.27 -33.95 12.97
C MET A 126 -8.72 -33.48 14.34
N ILE A 127 -8.39 -32.25 14.72
CA ILE A 127 -8.85 -31.69 15.99
C ILE A 127 -10.30 -31.25 15.90
N LYS A 128 -10.71 -30.75 14.74
CA LYS A 128 -12.04 -30.18 14.59
C LYS A 128 -13.14 -31.21 14.88
N GLY A 129 -14.22 -30.75 15.50
CA GLY A 129 -15.38 -31.58 15.74
C GLY A 129 -15.16 -32.70 16.74
N LYS A 130 -14.38 -32.46 17.79
CA LYS A 130 -14.10 -33.48 18.78
C LYS A 130 -14.06 -32.85 20.16
N THR A 131 -14.70 -33.52 21.12
CA THR A 131 -14.67 -33.09 22.50
C THR A 131 -13.27 -33.29 23.08
N PRO A 132 -12.94 -32.61 24.19
CA PRO A 132 -11.61 -32.78 24.78
C PRO A 132 -11.25 -34.24 25.08
N GLU A 133 -12.22 -35.04 25.54
CA GLU A 133 -11.94 -36.46 25.79
C GLU A 133 -11.59 -37.19 24.51
N GLU A 134 -12.26 -36.85 23.40
CA GLU A 134 -11.97 -37.51 22.13
C GLU A 134 -10.62 -37.07 21.57
N ILE A 135 -10.27 -35.79 21.77
CA ILE A 135 -8.95 -35.32 21.36
C ILE A 135 -7.86 -36.02 22.16
N ARG A 136 -8.07 -36.15 23.48
CA ARG A 136 -7.09 -36.84 24.31
C ARG A 136 -6.96 -38.31 23.93
N LYS A 137 -8.06 -38.95 23.54
CA LYS A 137 -7.97 -40.35 23.14
C LYS A 137 -7.28 -40.51 21.79
N THR A 138 -7.58 -39.64 20.83
CA THR A 138 -6.99 -39.74 19.51
C THR A 138 -5.54 -39.26 19.47
N PHE A 139 -5.11 -38.48 20.47
CA PHE A 139 -3.76 -37.92 20.48
C PHE A 139 -2.91 -38.40 21.64
N ASN A 140 -3.45 -39.26 22.52
CA ASN A 140 -2.69 -39.83 23.65
C ASN A 140 -2.11 -38.72 24.54
N ILE A 141 -3.03 -37.94 25.12
CA ILE A 141 -2.69 -36.82 25.97
C ILE A 141 -3.41 -37.00 27.30
N LYS A 142 -2.65 -37.09 28.38
CA LYS A 142 -3.24 -37.31 29.70
C LYS A 142 -3.90 -36.03 30.21
N ASN A 143 -5.09 -36.18 30.78
CA ASN A 143 -5.86 -35.06 31.31
C ASN A 143 -5.26 -34.64 32.64
N ASP A 144 -4.36 -33.66 32.61
CA ASP A 144 -3.77 -33.13 33.83
C ASP A 144 -4.65 -32.07 34.50
N PHE A 145 -5.87 -31.89 34.02
CA PHE A 145 -6.79 -30.93 34.62
C PHE A 145 -7.55 -31.57 35.78
N THR A 146 -7.52 -30.91 36.93
CA THR A 146 -8.41 -31.28 38.01
C THR A 146 -9.83 -30.80 37.71
N GLU A 147 -10.79 -31.35 38.44
CA GLU A 147 -12.18 -30.93 38.25
C GLU A 147 -12.41 -29.48 38.62
N GLU A 148 -11.51 -28.88 39.40
CA GLU A 148 -11.60 -27.46 39.70
C GLU A 148 -11.03 -26.62 38.56
N GLU A 149 -9.82 -26.94 38.11
CA GLU A 149 -9.18 -26.16 37.07
C GLU A 149 -9.95 -26.23 35.76
N GLU A 150 -10.43 -27.42 35.40
CA GLU A 150 -11.25 -27.57 34.20
C GLU A 150 -12.51 -26.72 34.28
N ALA A 151 -13.09 -26.58 35.47
CA ALA A 151 -14.28 -25.76 35.66
C ALA A 151 -13.94 -24.27 35.55
N GLN A 152 -12.79 -23.85 36.09
CA GLN A 152 -12.36 -22.47 35.93
C GLN A 152 -12.11 -22.14 34.47
N VAL A 153 -11.49 -23.07 33.73
CA VAL A 153 -11.19 -22.82 32.32
C VAL A 153 -12.48 -22.71 31.51
N ARG A 154 -13.42 -23.63 31.73
CA ARG A 154 -14.69 -23.53 31.00
C ARG A 154 -15.54 -22.36 31.47
N LYS A 155 -15.32 -21.87 32.69
CA LYS A 155 -16.00 -20.67 33.14
C LYS A 155 -15.45 -19.43 32.46
N GLU A 156 -14.12 -19.34 32.32
CA GLU A 156 -13.50 -18.15 31.74
C GLU A 156 -13.81 -17.98 30.26
N ASN A 157 -14.37 -19.00 29.59
CA ASN A 157 -14.72 -18.93 28.18
C ASN A 157 -16.20 -19.20 27.98
N GLN A 158 -17.05 -18.60 28.82
CA GLN A 158 -18.48 -18.80 28.74
C GLN A 158 -19.14 -18.04 27.59
N TRP A 159 -18.42 -17.09 26.99
CA TRP A 159 -18.97 -16.26 25.90
C TRP A 159 -18.76 -16.89 24.53
N CYS A 160 -19.20 -18.14 24.35
CA CYS A 160 -19.06 -18.82 23.08
C CYS A 160 -20.29 -19.66 22.77
N PRO B 14 3.59 -41.81 18.88
CA PRO B 14 3.00 -40.53 18.45
C PRO B 14 2.70 -39.61 19.62
N ASP B 15 3.23 -38.38 19.57
CA ASP B 15 3.00 -37.40 20.62
C ASP B 15 2.98 -36.01 19.99
N ILE B 16 1.85 -35.32 20.15
CA ILE B 16 1.73 -33.98 19.57
C ILE B 16 2.58 -32.98 20.34
N ASN B 17 2.66 -33.13 21.67
CA ASN B 17 3.41 -32.19 22.49
C ASN B 17 4.90 -32.15 22.17
N GLN B 18 5.41 -33.15 21.43
CA GLN B 18 6.81 -33.12 21.03
C GLN B 18 7.09 -32.06 19.98
N LEU B 19 6.07 -31.62 19.24
CA LEU B 19 6.26 -30.57 18.25
C LEU B 19 6.57 -29.25 18.93
N PRO B 20 7.38 -28.40 18.29
CA PRO B 20 7.66 -27.07 18.84
C PRO B 20 6.39 -26.27 19.01
N PRO B 21 6.36 -25.33 19.97
CA PRO B 21 5.12 -24.57 20.21
C PRO B 21 4.70 -23.69 19.04
N SER B 22 5.61 -23.35 18.13
CA SER B 22 5.23 -22.55 16.97
C SER B 22 4.28 -23.33 16.05
N ILE B 23 4.60 -24.60 15.80
CA ILE B 23 3.74 -25.43 14.96
C ILE B 23 2.39 -25.63 15.63
N LEU B 24 2.38 -25.83 16.94
CA LEU B 24 1.12 -26.02 17.65
C LEU B 24 0.29 -24.74 17.63
N LEU B 25 0.93 -23.58 17.76
CA LEU B 25 0.23 -22.31 17.64
C LEU B 25 -0.36 -22.14 16.25
N LYS B 26 0.38 -22.54 15.21
CA LYS B 26 -0.14 -22.46 13.85
C LYS B 26 -1.34 -23.38 13.66
N ILE B 27 -1.27 -24.60 14.22
CA ILE B 27 -2.38 -25.54 14.10
C ILE B 27 -3.61 -24.99 14.83
N PHE B 28 -3.41 -24.41 16.01
CA PHE B 28 -4.54 -23.82 16.74
C PHE B 28 -5.08 -22.58 16.03
N SER B 29 -4.21 -21.86 15.31
CA SER B 29 -4.68 -20.75 14.49
C SER B 29 -5.50 -21.24 13.30
N ASN B 30 -5.24 -22.47 12.85
CA ASN B 30 -6.11 -23.08 11.84
C ASN B 30 -7.43 -23.56 12.41
N LEU B 31 -7.66 -23.36 13.71
CA LEU B 31 -8.91 -23.73 14.37
C LEU B 31 -9.77 -22.50 14.60
N SER B 32 -11.09 -22.68 14.47
CA SER B 32 -12.02 -21.60 14.76
C SER B 32 -12.00 -21.25 16.25
N LEU B 33 -12.62 -20.10 16.57
CA LEU B 33 -12.62 -19.64 17.95
C LEU B 33 -13.44 -20.55 18.86
N ASP B 34 -14.59 -21.03 18.37
CA ASP B 34 -15.44 -21.90 19.16
C ASP B 34 -14.74 -23.23 19.47
N GLU B 35 -14.17 -23.85 18.43
CA GLU B 35 -13.45 -25.11 18.63
C GLU B 35 -12.18 -24.93 19.46
N ARG B 36 -11.62 -23.72 19.51
CA ARG B 36 -10.40 -23.50 20.27
C ARG B 36 -10.70 -23.23 21.74
N CYS B 37 -11.74 -22.45 22.03
CA CYS B 37 -12.03 -22.07 23.41
C CYS B 37 -12.81 -23.13 24.18
N LEU B 38 -13.60 -23.95 23.50
CA LEU B 38 -14.43 -24.94 24.17
C LEU B 38 -13.85 -26.36 24.08
N SER B 39 -12.96 -26.63 23.13
CA SER B 39 -12.40 -27.97 23.00
C SER B 39 -10.90 -27.99 23.20
N ALA B 40 -10.19 -27.08 22.53
CA ALA B 40 -8.72 -27.11 22.56
C ALA B 40 -8.19 -26.69 23.92
N SER B 41 -8.82 -25.68 24.54
CA SER B 41 -8.35 -25.18 25.82
C SER B 41 -8.63 -26.14 26.98
N LEU B 42 -9.41 -27.18 26.76
CA LEU B 42 -9.75 -28.14 27.81
C LEU B 42 -9.07 -29.49 27.62
N VAL B 43 -8.14 -29.60 26.67
CA VAL B 43 -7.43 -30.87 26.46
C VAL B 43 -6.38 -31.07 27.55
N CYS B 44 -5.50 -30.09 27.74
CA CYS B 44 -4.47 -30.16 28.76
C CYS B 44 -4.02 -28.75 29.08
N LYS B 45 -3.21 -28.64 30.14
CA LYS B 45 -2.73 -27.32 30.56
C LYS B 45 -1.76 -26.74 29.55
N TYR B 46 -1.03 -27.59 28.82
CA TYR B 46 -0.12 -27.10 27.80
C TYR B 46 -0.91 -26.46 26.65
N TRP B 47 -1.92 -27.15 26.14
CA TRP B 47 -2.78 -26.57 25.12
C TRP B 47 -3.54 -25.37 25.66
N ARG B 48 -3.88 -25.38 26.94
CA ARG B 48 -4.53 -24.23 27.55
C ARG B 48 -3.62 -23.00 27.47
N ASP B 49 -2.37 -23.14 27.90
CA ASP B 49 -1.44 -22.02 27.84
C ASP B 49 -1.12 -21.61 26.40
N LEU B 50 -1.14 -22.56 25.47
CA LEU B 50 -0.89 -22.22 24.07
C LEU B 50 -2.04 -21.41 23.48
N CYS B 51 -3.27 -21.88 23.65
CA CYS B 51 -4.42 -21.17 23.11
C CYS B 51 -4.67 -19.86 23.85
N LEU B 52 -4.25 -19.77 25.12
CA LEU B 52 -4.43 -18.53 25.88
C LEU B 52 -3.55 -17.40 25.35
N ASP B 53 -2.49 -17.71 24.62
CA ASP B 53 -1.62 -16.68 24.09
C ASP B 53 -2.36 -15.83 23.08
N PHE B 54 -2.15 -14.52 23.15
CA PHE B 54 -2.80 -13.56 22.25
C PHE B 54 -2.03 -13.43 20.94
N LYS B 58 -2.74 -9.95 20.46
CA LYS B 58 -2.49 -8.85 19.54
C LYS B 58 -3.79 -8.30 18.97
N GLN B 59 -4.06 -8.60 17.70
CA GLN B 59 -5.31 -8.17 17.08
C GLN B 59 -6.48 -8.95 17.65
N LEU B 60 -7.49 -8.23 18.14
CA LEU B 60 -8.69 -8.84 18.68
C LEU B 60 -9.91 -8.33 17.92
N ASP B 61 -10.80 -9.26 17.58
CA ASP B 61 -12.02 -8.95 16.84
C ASP B 61 -13.21 -9.29 17.72
N LEU B 62 -13.94 -8.26 18.17
CA LEU B 62 -15.13 -8.41 18.98
C LEU B 62 -16.39 -8.01 18.22
N SER B 63 -16.49 -8.42 16.95
CA SER B 63 -17.55 -7.92 16.09
C SER B 63 -18.92 -8.36 16.55
N SER B 64 -19.64 -7.45 17.20
CA SER B 64 -21.04 -7.53 17.56
C SER B 64 -21.34 -8.56 18.64
N ARG B 65 -20.38 -9.47 18.91
CA ARG B 65 -20.29 -10.32 20.11
C ARG B 65 -21.60 -10.45 20.90
N GLN B 66 -22.73 -10.57 20.20
CA GLN B 66 -24.08 -10.51 20.79
C GLN B 66 -24.19 -9.42 21.86
N GLN B 67 -23.43 -8.32 21.67
CA GLN B 67 -23.34 -7.21 22.62
C GLN B 67 -23.30 -7.70 24.06
N VAL B 68 -22.29 -8.48 24.41
CA VAL B 68 -22.30 -9.21 25.68
C VAL B 68 -21.17 -8.75 26.61
N THR B 69 -20.50 -7.64 26.30
CA THR B 69 -19.41 -7.19 27.15
C THR B 69 -19.46 -5.68 27.35
N ASP B 70 -19.47 -5.28 28.62
CA ASP B 70 -19.22 -3.90 29.02
C ASP B 70 -18.02 -3.84 29.96
N GLU B 71 -18.04 -4.68 31.01
CA GLU B 71 -16.94 -4.71 31.96
C GLU B 71 -15.80 -5.59 31.49
N LEU B 72 -16.10 -6.60 30.67
CA LEU B 72 -15.04 -7.45 30.13
C LEU B 72 -14.07 -6.65 29.29
N LEU B 73 -14.52 -5.54 28.71
CA LEU B 73 -13.61 -4.65 27.99
C LEU B 73 -12.54 -4.10 28.93
N GLU B 74 -12.95 -3.60 30.11
CA GLU B 74 -11.97 -3.11 31.07
C GLU B 74 -11.12 -4.24 31.63
N LYS B 75 -11.70 -5.44 31.81
CA LYS B 75 -10.92 -6.58 32.27
C LYS B 75 -9.80 -6.90 31.30
N ILE B 76 -10.12 -7.04 30.02
CA ILE B 76 -9.09 -7.38 29.03
C ILE B 76 -8.16 -6.20 28.77
N ALA B 77 -8.60 -4.97 29.07
CA ALA B 77 -7.69 -3.83 28.99
C ALA B 77 -6.65 -3.88 30.09
N SER B 78 -7.07 -4.15 31.32
CA SER B 78 -6.13 -4.29 32.42
C SER B 78 -5.32 -5.57 32.34
N ARG B 79 -5.76 -6.54 31.53
CA ARG B 79 -5.04 -7.81 31.42
C ARG B 79 -3.74 -7.64 30.64
N SER B 80 -3.83 -7.22 29.38
CA SER B 80 -2.68 -7.15 28.50
C SER B 80 -2.61 -5.79 27.83
N GLN B 81 -1.39 -5.31 27.60
CA GLN B 81 -1.14 -4.05 26.92
C GLN B 81 -0.67 -4.24 25.48
N ASN B 82 -0.51 -5.48 25.03
CA ASN B 82 0.10 -5.77 23.73
C ASN B 82 -0.99 -5.95 22.68
N ILE B 83 -1.69 -4.85 22.40
CA ILE B 83 -2.78 -4.83 21.45
C ILE B 83 -2.48 -3.79 20.37
N ILE B 84 -2.50 -4.21 19.11
CA ILE B 84 -2.22 -3.32 18.00
C ILE B 84 -3.45 -3.00 17.16
N GLU B 85 -4.50 -3.82 17.21
CA GLU B 85 -5.72 -3.58 16.47
C GLU B 85 -6.91 -4.01 17.32
N ILE B 86 -7.93 -3.16 17.37
CA ILE B 86 -9.14 -3.41 18.15
C ILE B 86 -10.34 -3.27 17.22
N ASN B 87 -11.19 -4.29 17.20
CA ASN B 87 -12.40 -4.27 16.39
C ASN B 87 -13.61 -4.22 17.33
N ILE B 88 -14.38 -3.15 17.22
CA ILE B 88 -15.43 -2.82 18.18
C ILE B 88 -16.74 -2.80 17.42
N SER B 89 -16.92 -3.74 16.50
CA SER B 89 -18.00 -3.65 15.53
C SER B 89 -19.38 -3.83 16.18
N ASP B 90 -20.16 -2.74 16.10
CA ASP B 90 -21.61 -2.62 16.29
C ASP B 90 -22.00 -2.76 17.76
N CYS B 91 -21.25 -3.49 18.60
CA CYS B 91 -20.94 -3.16 20.00
C CYS B 91 -21.94 -2.28 20.75
N ARG B 92 -23.19 -2.70 20.91
CA ARG B 92 -24.19 -1.82 21.51
C ARG B 92 -24.18 -1.82 23.03
N SER B 93 -23.35 -2.67 23.66
CA SER B 93 -23.43 -2.80 25.11
C SER B 93 -22.61 -1.73 25.82
N MET B 94 -21.30 -1.68 25.57
CA MET B 94 -20.42 -0.89 26.42
C MET B 94 -20.62 0.60 26.20
N SER B 95 -20.14 1.38 27.16
CA SER B 95 -20.19 2.83 27.18
C SER B 95 -18.80 3.40 26.91
N ASP B 96 -18.69 4.72 26.98
CA ASP B 96 -17.44 5.40 26.68
C ASP B 96 -16.35 5.12 27.71
N ASN B 97 -16.72 4.73 28.93
CA ASN B 97 -15.72 4.51 29.97
C ASN B 97 -14.84 3.31 29.64
N GLY B 98 -15.44 2.25 29.09
CA GLY B 98 -14.65 1.10 28.69
C GLY B 98 -13.67 1.43 27.57
N VAL B 99 -14.12 2.20 26.58
CA VAL B 99 -13.22 2.61 25.50
C VAL B 99 -12.11 3.50 26.06
N CYS B 100 -12.45 4.36 27.02
CA CYS B 100 -11.44 5.25 27.60
C CYS B 100 -10.38 4.46 28.34
N VAL B 101 -10.79 3.49 29.16
CA VAL B 101 -9.80 2.72 29.91
C VAL B 101 -9.01 1.80 28.98
N LEU B 102 -9.64 1.32 27.89
CA LEU B 102 -8.91 0.50 26.93
C LEU B 102 -7.86 1.34 26.19
N ALA B 103 -8.18 2.59 25.89
CA ALA B 103 -7.18 3.48 25.31
C ALA B 103 -6.09 3.80 26.32
N PHE B 104 -6.45 3.94 27.59
CA PHE B 104 -5.45 4.18 28.63
C PHE B 104 -4.49 2.99 28.76
N LYS B 105 -4.98 1.78 28.54
CA LYS B 105 -4.17 0.57 28.72
C LYS B 105 -3.52 0.08 27.44
N CYS B 106 -3.77 0.73 26.30
CA CYS B 106 -3.20 0.30 25.01
C CYS B 106 -2.67 1.52 24.27
N PRO B 107 -1.43 1.94 24.57
CA PRO B 107 -0.84 3.07 23.83
C PRO B 107 -0.38 2.67 22.44
N GLY B 108 0.05 1.41 22.29
CA GLY B 108 0.56 0.93 21.03
C GLY B 108 -0.51 0.46 20.06
N LEU B 109 -1.61 1.19 19.98
CA LEU B 109 -2.71 0.83 19.09
C LEU B 109 -2.45 1.38 17.69
N LEU B 110 -2.59 0.51 16.69
CA LEU B 110 -2.37 0.90 15.30
C LEU B 110 -3.67 1.04 14.51
N ARG B 111 -4.59 0.10 14.66
CA ARG B 111 -5.86 0.10 13.93
C ARG B 111 -7.02 0.15 14.92
N TYR B 112 -7.94 1.09 14.69
CA TYR B 112 -9.15 1.23 15.48
C TYR B 112 -10.35 1.11 14.56
N THR B 113 -11.27 0.18 14.86
CA THR B 113 -12.45 -0.02 14.04
C THR B 113 -13.66 -0.20 14.93
N ALA B 114 -14.66 0.66 14.75
CA ALA B 114 -15.91 0.56 15.48
C ALA B 114 -17.07 1.07 14.63
N TYR B 115 -17.76 0.16 13.94
CA TYR B 115 -18.86 0.56 13.08
C TYR B 115 -20.19 0.57 13.83
N ARG B 116 -21.05 1.50 13.44
CA ARG B 116 -22.45 1.55 13.90
C ARG B 116 -22.57 1.57 15.42
N CYS B 117 -21.59 2.18 16.09
CA CYS B 117 -21.64 2.35 17.54
C CYS B 117 -22.25 3.70 17.87
N LYS B 118 -23.56 3.81 17.58
CA LYS B 118 -24.28 5.07 17.71
C LYS B 118 -24.47 5.51 19.15
N GLN B 119 -23.96 4.78 20.14
CA GLN B 119 -24.04 5.18 21.53
C GLN B 119 -22.75 5.79 22.05
N LEU B 120 -21.68 5.79 21.25
CA LEU B 120 -20.40 6.36 21.65
C LEU B 120 -20.37 7.85 21.29
N SER B 121 -19.98 8.67 22.24
CA SER B 121 -19.82 10.10 22.05
C SER B 121 -18.38 10.40 21.63
N ASP B 122 -18.00 11.68 21.61
CA ASP B 122 -16.67 12.08 21.21
C ASP B 122 -15.65 12.00 22.34
N THR B 123 -16.10 11.74 23.58
CA THR B 123 -15.14 11.55 24.68
C THR B 123 -14.28 10.32 24.45
N SER B 124 -14.87 9.27 23.87
CA SER B 124 -14.12 8.06 23.56
C SER B 124 -12.99 8.35 22.58
N ILE B 125 -13.31 9.06 21.49
CA ILE B 125 -12.27 9.35 20.49
C ILE B 125 -11.27 10.36 21.04
N ILE B 126 -11.70 11.23 21.97
CA ILE B 126 -10.76 12.14 22.61
C ILE B 126 -9.74 11.36 23.42
N ALA B 127 -10.21 10.43 24.25
CA ALA B 127 -9.30 9.60 25.03
C ALA B 127 -8.42 8.75 24.13
N VAL B 128 -8.97 8.26 23.03
CA VAL B 128 -8.19 7.47 22.07
C VAL B 128 -7.05 8.31 21.50
N ALA B 129 -7.37 9.48 20.96
CA ALA B 129 -6.33 10.37 20.43
C ALA B 129 -5.32 10.75 21.50
N SER B 130 -5.76 10.86 22.76
CA SER B 130 -4.86 11.27 23.82
C SER B 130 -3.97 10.15 24.33
N HIS B 131 -4.34 8.88 24.12
CA HIS B 131 -3.60 7.78 24.71
C HIS B 131 -3.18 6.71 23.71
N CYS B 132 -3.18 7.02 22.40
CA CYS B 132 -2.51 6.16 21.43
C CYS B 132 -2.20 6.95 20.17
N PRO B 133 -1.04 7.62 20.11
CA PRO B 133 -0.71 8.43 18.92
C PRO B 133 -0.26 7.62 17.71
N LEU B 134 0.06 6.34 17.89
CA LEU B 134 0.58 5.51 16.81
C LEU B 134 -0.52 4.95 15.90
N LEU B 135 -1.72 5.51 15.94
CA LEU B 135 -2.81 5.03 15.12
C LEU B 135 -2.51 5.22 13.64
N GLN B 136 -2.80 4.18 12.85
CA GLN B 136 -2.67 4.22 11.40
C GLN B 136 -4.00 4.06 10.68
N LYS B 137 -4.90 3.23 11.21
CA LYS B 137 -6.21 2.98 10.61
C LYS B 137 -7.29 3.29 11.63
N VAL B 138 -8.22 4.18 11.28
CA VAL B 138 -9.32 4.58 12.15
C VAL B 138 -10.61 4.49 11.34
N HIS B 139 -11.46 3.51 11.67
CA HIS B 139 -12.68 3.26 10.94
C HIS B 139 -13.86 3.43 11.91
N VAL B 140 -14.66 4.45 11.66
CA VAL B 140 -15.66 4.90 12.62
C VAL B 140 -17.04 4.91 11.97
N GLY B 141 -17.82 3.87 12.27
CA GLY B 141 -19.20 3.83 11.81
C GLY B 141 -20.02 5.02 12.27
N ASN B 142 -21.30 4.99 11.92
CA ASN B 142 -22.24 6.12 12.00
C ASN B 142 -21.98 6.89 13.30
N GLN B 143 -22.14 6.28 14.48
CA GLN B 143 -21.63 6.84 15.73
C GLN B 143 -22.04 8.30 15.94
N ASP B 144 -23.33 8.56 16.11
CA ASP B 144 -23.79 9.93 16.21
C ASP B 144 -23.18 10.61 17.44
N LYS B 145 -23.37 11.93 17.51
CA LYS B 145 -22.71 12.79 18.50
C LYS B 145 -21.19 12.73 18.37
N LEU B 146 -20.70 12.92 17.15
CA LEU B 146 -19.27 13.03 16.87
C LEU B 146 -18.97 14.46 16.41
N THR B 147 -18.62 15.32 17.35
CA THR B 147 -18.34 16.70 17.03
C THR B 147 -16.96 16.85 16.42
N ASP B 148 -16.67 18.06 15.94
CA ASP B 148 -15.37 18.33 15.33
C ASP B 148 -14.29 18.55 16.38
N GLU B 149 -14.67 18.84 17.63
CA GLU B 149 -13.67 19.08 18.65
C GLU B 149 -12.89 17.81 18.99
N GLY B 150 -13.59 16.69 19.15
CA GLY B 150 -12.85 15.45 19.25
C GLY B 150 -12.19 15.02 17.95
N LEU B 151 -12.71 15.49 16.83
CA LEU B 151 -12.09 15.23 15.54
C LEU B 151 -10.85 16.08 15.33
N LYS B 152 -10.85 17.33 15.79
CA LYS B 152 -9.62 18.10 15.79
C LYS B 152 -8.62 17.58 16.81
N GLN B 153 -9.10 17.01 17.93
CA GLN B 153 -8.18 16.29 18.83
C GLN B 153 -7.50 15.14 18.10
N LEU B 154 -8.28 14.33 17.39
CA LEU B 154 -7.69 13.22 16.63
C LEU B 154 -6.73 13.73 15.56
N GLY B 155 -7.09 14.84 14.91
CA GLY B 155 -6.22 15.38 13.88
C GLY B 155 -4.92 15.94 14.41
N SER B 156 -4.93 16.47 15.64
CA SER B 156 -3.74 17.11 16.19
C SER B 156 -2.90 16.17 17.05
N LYS B 157 -3.42 15.01 17.42
CA LYS B 157 -2.65 14.05 18.20
C LYS B 157 -2.18 12.84 17.42
N CYS B 158 -3.00 12.30 16.52
CA CYS B 158 -2.66 11.09 15.77
C CYS B 158 -2.12 11.48 14.39
N ARG B 159 -0.90 12.05 14.40
CA ARG B 159 -0.26 12.48 13.16
C ARG B 159 0.20 11.32 12.30
N GLU B 160 0.27 10.10 12.85
CA GLU B 160 0.73 8.93 12.10
C GLU B 160 -0.41 8.20 11.40
N LEU B 161 -1.54 8.87 11.17
CA LEU B 161 -2.69 8.20 10.58
C LEU B 161 -2.48 7.94 9.09
N LYS B 162 -2.97 6.79 8.63
CA LYS B 162 -2.93 6.41 7.23
C LYS B 162 -4.31 6.22 6.63
N ASP B 163 -5.20 5.51 7.32
CA ASP B 163 -6.54 5.23 6.85
C ASP B 163 -7.55 5.87 7.80
N ILE B 164 -8.55 6.56 7.23
CA ILE B 164 -9.60 7.21 8.01
C ILE B 164 -10.93 6.96 7.31
N HIS B 165 -11.94 6.55 8.07
CA HIS B 165 -13.27 6.29 7.53
C HIS B 165 -14.31 6.87 8.48
N PHE B 166 -15.12 7.80 7.97
CA PHE B 166 -16.23 8.38 8.71
C PHE B 166 -17.49 8.27 7.84
N GLY B 167 -18.18 7.14 7.96
CA GLY B 167 -19.35 6.89 7.14
C GLY B 167 -20.66 7.35 7.76
N GLN B 168 -21.35 8.26 7.08
CA GLN B 168 -22.67 8.73 7.51
C GLN B 168 -22.63 9.34 8.91
N CYS B 169 -21.60 10.14 9.17
CA CYS B 169 -21.45 10.87 10.42
C CYS B 169 -21.94 12.29 10.19
N TYR B 170 -23.25 12.48 10.31
CA TYR B 170 -23.90 13.73 9.96
C TYR B 170 -23.51 14.90 10.87
N LYS B 171 -22.85 14.62 12.01
CA LYS B 171 -22.50 15.66 12.97
C LYS B 171 -21.08 16.20 12.77
N ILE B 172 -20.55 16.14 11.55
CA ILE B 172 -19.19 16.59 11.25
C ILE B 172 -19.28 17.77 10.28
N SER B 173 -18.62 18.87 10.65
CA SER B 173 -18.51 20.08 9.85
C SER B 173 -17.13 20.11 9.18
N ASP B 174 -16.79 21.23 8.56
CA ASP B 174 -15.54 21.35 7.82
C ASP B 174 -14.34 21.65 8.72
N GLU B 175 -14.56 22.16 9.93
CA GLU B 175 -13.45 22.48 10.82
C GLU B 175 -12.63 21.24 11.16
N GLY B 176 -13.31 20.18 11.61
CA GLY B 176 -12.60 18.96 11.95
C GLY B 176 -11.89 18.33 10.76
N MET B 177 -12.53 18.38 9.59
CA MET B 177 -11.91 17.83 8.39
C MET B 177 -10.67 18.62 7.99
N ILE B 178 -10.72 19.95 8.09
CA ILE B 178 -9.54 20.74 7.76
C ILE B 178 -8.43 20.52 8.78
N VAL B 179 -8.78 20.33 10.05
CA VAL B 179 -7.75 20.03 11.05
C VAL B 179 -7.13 18.67 10.78
N ILE B 180 -7.95 17.68 10.40
CA ILE B 180 -7.41 16.38 10.01
C ILE B 180 -6.48 16.52 8.81
N ALA B 181 -6.85 17.37 7.86
CA ALA B 181 -6.05 17.54 6.65
C ALA B 181 -4.73 18.24 6.94
N LYS B 182 -4.71 19.16 7.92
CA LYS B 182 -3.47 19.84 8.27
C LYS B 182 -2.42 18.86 8.74
N GLY B 183 -2.72 18.09 9.77
CA GLY B 183 -1.84 17.03 10.22
C GLY B 183 -2.04 15.76 9.42
N CYS B 184 -1.46 14.67 9.93
CA CYS B 184 -1.61 13.34 9.35
C CYS B 184 -1.21 13.34 7.88
N LEU B 185 0.06 13.67 7.64
CA LEU B 185 0.54 13.77 6.27
C LEU B 185 0.61 12.42 5.57
N LYS B 186 0.58 11.32 6.32
CA LYS B 186 0.69 9.98 5.76
C LYS B 186 -0.67 9.36 5.45
N LEU B 187 -1.73 10.16 5.36
CA LEU B 187 -3.07 9.66 5.10
C LEU B 187 -3.16 9.14 3.68
N GLN B 188 -3.21 7.82 3.53
CA GLN B 188 -3.33 7.18 2.23
C GLN B 188 -4.77 6.88 1.84
N ARG B 189 -5.68 6.82 2.81
CA ARG B 189 -7.07 6.48 2.54
C ARG B 189 -7.99 7.43 3.30
N ILE B 190 -9.11 7.77 2.66
CA ILE B 190 -10.15 8.59 3.29
C ILE B 190 -11.48 8.25 2.62
N TYR B 191 -12.52 8.06 3.42
CA TYR B 191 -13.83 7.71 2.90
C TYR B 191 -14.91 8.39 3.73
N MET B 192 -15.81 9.11 3.07
CA MET B 192 -16.93 9.76 3.71
C MET B 192 -18.17 9.57 2.84
N GLN B 193 -19.29 9.24 3.46
CA GLN B 193 -20.53 8.94 2.76
C GLN B 193 -21.68 9.69 3.40
N GLU B 194 -22.47 10.39 2.58
CA GLU B 194 -23.67 11.09 3.03
C GLU B 194 -23.38 12.07 4.15
N ASN B 195 -22.16 12.60 4.22
CA ASN B 195 -21.75 13.50 5.29
C ASN B 195 -21.97 14.95 4.82
N LYS B 196 -23.12 15.50 5.16
CA LYS B 196 -23.41 16.90 4.85
C LYS B 196 -22.52 17.81 5.70
N LEU B 197 -22.63 19.11 5.44
CA LEU B 197 -21.84 20.16 6.10
C LEU B 197 -20.36 20.01 5.77
N VAL B 198 -20.04 19.09 4.87
CA VAL B 198 -18.67 18.88 4.40
C VAL B 198 -18.66 19.30 2.93
N THR B 199 -17.89 20.35 2.61
CA THR B 199 -17.95 20.95 1.29
C THR B 199 -16.57 21.00 0.63
N ASP B 200 -16.48 21.73 -0.48
CA ASP B 200 -15.26 21.78 -1.28
C ASP B 200 -14.04 22.23 -0.48
N GLN B 201 -14.25 22.97 0.63
CA GLN B 201 -13.12 23.42 1.43
C GLN B 201 -12.36 22.24 2.04
N SER B 202 -13.09 21.26 2.57
CA SER B 202 -12.43 20.09 3.14
C SER B 202 -11.67 19.30 2.08
N VAL B 203 -12.28 19.11 0.91
CA VAL B 203 -11.62 18.38 -0.17
C VAL B 203 -10.36 19.10 -0.61
N LYS B 204 -10.43 20.43 -0.72
CA LYS B 204 -9.26 21.20 -1.12
C LYS B 204 -8.16 21.13 -0.08
N ALA B 205 -8.51 21.26 1.20
CA ALA B 205 -7.51 21.17 2.26
C ALA B 205 -6.91 19.77 2.35
N PHE B 206 -7.66 18.75 1.94
CA PHE B 206 -7.14 17.39 1.96
C PHE B 206 -6.23 17.13 0.76
N ALA B 207 -6.56 17.71 -0.39
CA ALA B 207 -5.81 17.42 -1.61
C ALA B 207 -4.45 18.13 -1.65
N GLU B 208 -4.34 19.29 -1.03
CA GLU B 208 -3.10 20.08 -1.10
C GLU B 208 -2.19 19.89 0.10
N HIS B 209 -2.62 19.14 1.11
CA HIS B 209 -1.82 18.93 2.31
C HIS B 209 -1.34 17.49 2.50
N CYS B 210 -2.00 16.52 1.87
CA CYS B 210 -1.65 15.11 2.02
C CYS B 210 -1.41 14.50 0.65
N PRO B 211 -0.21 14.62 0.10
CA PRO B 211 0.09 14.03 -1.21
C PRO B 211 0.14 12.51 -1.20
N GLU B 212 0.19 11.89 -0.03
CA GLU B 212 0.22 10.43 0.12
C GLU B 212 -1.15 9.78 -0.12
N LEU B 213 -2.17 10.54 -0.52
CA LEU B 213 -3.52 10.01 -0.62
C LEU B 213 -3.66 9.12 -1.85
N GLN B 214 -4.23 7.94 -1.66
CA GLN B 214 -4.50 7.00 -2.75
C GLN B 214 -5.99 6.72 -2.90
N TYR B 215 -6.69 6.45 -1.80
CA TYR B 215 -8.11 6.16 -1.81
C TYR B 215 -8.87 7.35 -1.21
N VAL B 216 -9.85 7.86 -1.95
CA VAL B 216 -10.62 9.02 -1.53
C VAL B 216 -12.07 8.84 -1.98
N GLY B 217 -13.01 9.25 -1.13
CA GLY B 217 -14.42 9.17 -1.46
C GLY B 217 -15.27 10.18 -0.71
N PHE B 218 -16.08 10.93 -1.45
CA PHE B 218 -16.95 11.96 -0.89
C PHE B 218 -18.39 11.74 -1.36
N MET B 219 -18.85 10.51 -1.25
CA MET B 219 -20.19 10.16 -1.71
C MET B 219 -21.25 10.87 -0.87
N GLY B 220 -22.24 11.44 -1.56
CA GLY B 220 -23.37 12.07 -0.91
C GLY B 220 -23.05 13.34 -0.14
N CYS B 221 -21.81 13.80 -0.24
CA CYS B 221 -21.40 15.02 0.45
C CYS B 221 -21.81 16.25 -0.34
N SER B 222 -21.74 17.42 0.32
CA SER B 222 -22.06 18.69 -0.31
C SER B 222 -20.85 19.24 -1.06
N VAL B 223 -20.34 18.43 -1.98
CA VAL B 223 -19.15 18.73 -2.76
C VAL B 223 -19.56 19.00 -4.20
N THR B 224 -18.93 19.99 -4.81
CA THR B 224 -19.18 20.36 -6.20
C THR B 224 -17.90 20.17 -7.01
N SER B 225 -17.96 20.58 -8.28
CA SER B 225 -16.80 20.43 -9.16
C SER B 225 -15.62 21.28 -8.69
N LYS B 226 -15.89 22.38 -7.99
CA LYS B 226 -14.82 23.25 -7.53
C LYS B 226 -13.89 22.53 -6.55
N GLY B 227 -14.42 21.60 -5.77
CA GLY B 227 -13.60 20.84 -4.84
C GLY B 227 -13.01 19.60 -5.46
N VAL B 228 -13.73 19.00 -6.42
CA VAL B 228 -13.24 17.80 -7.08
C VAL B 228 -12.06 18.11 -7.99
N ILE B 229 -12.07 19.30 -8.62
CA ILE B 229 -10.98 19.67 -9.51
C ILE B 229 -9.66 19.82 -8.76
N HIS B 230 -9.70 20.05 -7.45
CA HIS B 230 -8.47 20.16 -6.67
C HIS B 230 -7.78 18.82 -6.46
N LEU B 231 -8.42 17.71 -6.80
CA LEU B 231 -7.81 16.40 -6.67
C LEU B 231 -6.76 16.11 -7.71
N THR B 232 -6.53 17.03 -8.66
CA THR B 232 -5.48 16.85 -9.65
C THR B 232 -4.09 16.97 -9.04
N LYS B 233 -3.97 17.59 -7.87
CA LYS B 233 -2.69 17.70 -7.18
C LYS B 233 -2.23 16.38 -6.58
N LEU B 234 -3.07 15.35 -6.61
CA LEU B 234 -2.77 14.05 -6.02
C LEU B 234 -2.50 13.07 -7.16
N ARG B 235 -1.24 13.00 -7.59
CA ARG B 235 -0.85 12.09 -8.66
C ARG B 235 -0.79 10.63 -8.21
N ASN B 236 -1.02 10.35 -6.92
CA ASN B 236 -1.01 9.00 -6.40
C ASN B 236 -2.42 8.46 -6.15
N LEU B 237 -3.45 9.12 -6.68
CA LEU B 237 -4.82 8.66 -6.48
C LEU B 237 -5.04 7.35 -7.24
N SER B 238 -5.52 6.33 -6.54
CA SER B 238 -5.82 5.04 -7.12
C SER B 238 -7.30 4.76 -7.29
N SER B 239 -8.12 5.13 -6.29
CA SER B 239 -9.56 4.91 -6.34
C SER B 239 -10.27 6.20 -5.95
N LEU B 240 -11.33 6.52 -6.69
CA LEU B 240 -12.10 7.75 -6.48
C LEU B 240 -13.58 7.41 -6.44
N ASP B 241 -14.25 7.83 -5.37
CA ASP B 241 -15.67 7.57 -5.16
C ASP B 241 -16.41 8.91 -5.13
N LEU B 242 -17.21 9.17 -6.16
CA LEU B 242 -17.93 10.43 -6.31
C LEU B 242 -19.40 10.15 -6.64
N ARG B 243 -20.00 9.23 -5.89
CA ARG B 243 -21.37 8.81 -6.11
C ARG B 243 -22.35 9.79 -5.47
N HIS B 244 -23.42 10.10 -6.20
CA HIS B 244 -24.47 11.00 -5.73
C HIS B 244 -23.89 12.31 -5.22
N ILE B 245 -23.08 12.95 -6.06
CA ILE B 245 -22.38 14.17 -5.69
C ILE B 245 -22.98 15.32 -6.49
N THR B 246 -22.95 16.51 -5.88
CA THR B 246 -23.69 17.66 -6.39
C THR B 246 -23.02 18.22 -7.65
N GLU B 247 -23.65 17.98 -8.81
CA GLU B 247 -23.38 18.71 -10.03
C GLU B 247 -21.91 18.68 -10.47
N LEU B 248 -21.41 17.49 -10.80
CA LEU B 248 -20.03 17.31 -11.25
C LEU B 248 -20.02 17.26 -12.78
N ASP B 249 -19.55 18.34 -13.40
CA ASP B 249 -19.52 18.44 -14.84
C ASP B 249 -18.49 17.47 -15.43
N ASN B 250 -18.55 17.32 -16.76
CA ASN B 250 -17.68 16.36 -17.44
C ASN B 250 -16.22 16.82 -17.45
N GLU B 251 -15.98 18.13 -17.57
CA GLU B 251 -14.63 18.63 -17.69
C GLU B 251 -13.80 18.35 -16.44
N THR B 252 -14.45 18.38 -15.27
CA THR B 252 -13.72 18.14 -14.02
C THR B 252 -13.19 16.71 -13.96
N VAL B 253 -14.04 15.73 -14.24
CA VAL B 253 -13.58 14.34 -14.22
C VAL B 253 -12.64 14.06 -15.39
N MET B 254 -12.79 14.78 -16.50
CA MET B 254 -11.82 14.70 -17.59
C MET B 254 -10.44 15.09 -17.10
N GLU B 255 -10.33 16.25 -16.46
CA GLU B 255 -9.05 16.68 -15.93
C GLU B 255 -8.55 15.75 -14.83
N ILE B 256 -9.46 15.17 -14.04
CA ILE B 256 -9.05 14.22 -13.00
C ILE B 256 -8.38 13.01 -13.61
N VAL B 257 -9.02 12.42 -14.63
CA VAL B 257 -8.45 11.25 -15.29
C VAL B 257 -7.17 11.62 -16.03
N LYS B 258 -7.09 12.84 -16.56
CA LYS B 258 -5.91 13.24 -17.31
C LYS B 258 -4.70 13.41 -16.40
N ARG B 259 -4.87 14.14 -15.30
CA ARG B 259 -3.75 14.41 -14.40
C ARG B 259 -3.41 13.17 -13.57
N CYS B 260 -4.40 12.60 -12.87
CA CYS B 260 -4.17 11.44 -12.04
C CYS B 260 -4.03 10.18 -12.89
N LYS B 261 -2.81 9.92 -13.38
CA LYS B 261 -2.59 8.78 -14.25
C LYS B 261 -2.61 7.45 -13.50
N ASN B 262 -2.46 7.46 -12.18
CA ASN B 262 -2.52 6.25 -11.38
C ASN B 262 -3.94 5.88 -10.98
N LEU B 263 -4.95 6.52 -11.57
CA LEU B 263 -6.34 6.24 -11.22
C LEU B 263 -6.74 4.86 -11.74
N SER B 264 -7.19 3.99 -10.84
CA SER B 264 -7.59 2.64 -11.19
C SER B 264 -9.10 2.44 -11.12
N SER B 265 -9.74 2.91 -10.05
CA SER B 265 -11.18 2.75 -9.87
C SER B 265 -11.82 4.13 -9.82
N LEU B 266 -12.80 4.37 -10.70
CA LEU B 266 -13.53 5.62 -10.75
C LEU B 266 -15.02 5.34 -10.55
N ASN B 267 -15.62 5.99 -9.57
CA ASN B 267 -17.01 5.77 -9.21
C ASN B 267 -17.78 7.07 -9.44
N LEU B 268 -18.71 7.03 -10.42
CA LEU B 268 -19.48 8.22 -10.80
C LEU B 268 -20.97 7.93 -10.81
N CYS B 269 -21.43 7.01 -9.95
CA CYS B 269 -22.84 6.64 -9.94
C CYS B 269 -23.71 7.80 -9.47
N LEU B 270 -24.97 7.77 -9.89
CA LEU B 270 -25.98 8.77 -9.52
C LEU B 270 -25.57 10.18 -9.93
N ASN B 271 -24.88 10.30 -11.06
CA ASN B 271 -24.51 11.59 -11.64
C ASN B 271 -25.23 11.73 -12.98
N TRP B 272 -26.31 12.50 -12.99
CA TRP B 272 -27.19 12.61 -14.15
C TRP B 272 -26.64 13.50 -15.26
N ILE B 273 -25.43 14.03 -15.11
CA ILE B 273 -24.87 14.95 -16.10
C ILE B 273 -23.64 14.39 -16.81
N ILE B 274 -23.12 13.23 -16.40
CA ILE B 274 -22.02 12.62 -17.13
C ILE B 274 -22.55 12.01 -18.42
N ASN B 275 -21.97 12.40 -19.54
CA ASN B 275 -22.40 11.97 -20.86
C ASN B 275 -21.42 10.94 -21.43
N ASP B 276 -21.67 10.52 -22.66
CA ASP B 276 -20.83 9.51 -23.29
C ASP B 276 -19.51 10.08 -23.81
N ARG B 277 -19.48 11.37 -24.17
CA ARG B 277 -18.23 11.99 -24.57
C ARG B 277 -17.23 12.00 -23.41
N CYS B 278 -17.72 12.26 -22.20
CA CYS B 278 -16.85 12.19 -21.02
C CYS B 278 -16.30 10.79 -20.81
N VAL B 279 -17.14 9.77 -21.02
CA VAL B 279 -16.69 8.40 -20.88
C VAL B 279 -15.64 8.08 -21.94
N GLU B 280 -15.82 8.61 -23.15
CA GLU B 280 -14.83 8.40 -24.21
C GLU B 280 -13.50 9.03 -23.85
N VAL B 281 -13.53 10.26 -23.34
CA VAL B 281 -12.30 10.94 -22.95
C VAL B 281 -11.61 10.20 -21.81
N ILE B 282 -12.40 9.72 -20.85
CA ILE B 282 -11.83 8.98 -19.72
C ILE B 282 -11.21 7.67 -20.18
N ALA B 283 -11.87 6.97 -21.10
CA ALA B 283 -11.32 5.73 -21.63
C ALA B 283 -10.06 5.97 -22.45
N LYS B 284 -10.00 7.10 -23.17
CA LYS B 284 -8.81 7.41 -23.96
C LYS B 284 -7.62 7.75 -23.06
N GLU B 285 -7.80 8.72 -22.15
CA GLU B 285 -6.72 9.17 -21.29
C GLU B 285 -6.61 8.37 -20.00
N GLY B 286 -7.41 7.31 -19.85
CA GLY B 286 -7.31 6.43 -18.70
C GLY B 286 -6.37 5.25 -18.91
N GLN B 287 -5.07 5.51 -18.96
CA GLN B 287 -4.11 4.46 -19.25
C GLN B 287 -4.01 3.43 -18.13
N ASN B 288 -4.42 3.78 -16.91
CA ASN B 288 -4.39 2.85 -15.79
C ASN B 288 -5.78 2.60 -15.20
N LEU B 289 -6.84 3.03 -15.87
CA LEU B 289 -8.19 2.82 -15.36
C LEU B 289 -8.56 1.35 -15.44
N LYS B 290 -8.97 0.78 -14.30
CA LYS B 290 -9.31 -0.64 -14.21
C LYS B 290 -10.79 -0.88 -13.91
N GLU B 291 -11.41 -0.03 -13.11
CA GLU B 291 -12.82 -0.18 -12.73
C GLU B 291 -13.54 1.14 -12.95
N LEU B 292 -14.65 1.10 -13.67
CA LEU B 292 -15.45 2.28 -13.94
C LEU B 292 -16.92 1.96 -13.65
N TYR B 293 -17.54 2.77 -12.81
CA TYR B 293 -18.93 2.58 -12.40
C TYR B 293 -19.74 3.78 -12.85
N LEU B 294 -20.75 3.54 -13.68
CA LEU B 294 -21.58 4.59 -14.26
C LEU B 294 -23.07 4.27 -14.08
N VAL B 295 -23.44 3.88 -12.85
CA VAL B 295 -24.83 3.56 -12.56
C VAL B 295 -25.67 4.84 -12.58
N SER B 296 -26.82 4.77 -13.25
CA SER B 296 -27.79 5.86 -13.37
C SER B 296 -27.24 7.06 -14.14
N CYS B 297 -26.09 6.92 -14.79
CA CYS B 297 -25.55 8.00 -15.61
C CYS B 297 -26.33 8.08 -16.92
N LYS B 298 -26.78 9.28 -17.27
CA LYS B 298 -27.57 9.49 -18.48
C LYS B 298 -26.64 9.42 -19.68
N ILE B 299 -26.36 8.19 -20.11
CA ILE B 299 -25.45 7.91 -21.22
C ILE B 299 -26.16 6.99 -22.20
N THR B 300 -25.44 6.58 -23.25
CA THR B 300 -26.01 5.69 -24.26
C THR B 300 -24.96 4.67 -24.64
N ASP B 301 -25.22 3.92 -25.73
CA ASP B 301 -24.31 2.88 -26.17
C ASP B 301 -22.96 3.43 -26.61
N TYR B 302 -22.90 4.72 -26.96
CA TYR B 302 -21.64 5.32 -27.40
C TYR B 302 -20.56 5.22 -26.34
N ALA B 303 -20.94 5.33 -25.06
CA ALA B 303 -19.96 5.21 -23.98
C ALA B 303 -19.34 3.83 -23.96
N LEU B 304 -20.16 2.78 -24.05
CA LEU B 304 -19.63 1.43 -24.07
C LEU B 304 -18.81 1.16 -25.31
N ILE B 305 -19.24 1.70 -26.46
CA ILE B 305 -18.47 1.54 -27.70
C ILE B 305 -17.09 2.18 -27.55
N ALA B 306 -17.04 3.37 -26.95
CA ALA B 306 -15.76 4.04 -26.74
C ALA B 306 -14.88 3.28 -25.76
N ILE B 307 -15.48 2.77 -24.67
CA ILE B 307 -14.72 1.97 -23.71
C ILE B 307 -14.11 0.74 -24.41
N GLY B 308 -14.88 0.11 -25.29
CA GLY B 308 -14.37 -1.07 -25.97
C GLY B 308 -13.30 -0.75 -27.00
N ARG B 309 -13.48 0.34 -27.75
CA ARG B 309 -12.58 0.62 -28.86
C ARG B 309 -11.30 1.34 -28.42
N TYR B 310 -11.34 2.07 -27.31
CA TYR B 310 -10.23 2.95 -26.94
C TYR B 310 -9.51 2.54 -25.66
N SER B 311 -10.20 1.91 -24.71
CA SER B 311 -9.61 1.56 -23.43
C SER B 311 -9.19 0.10 -23.45
N MET B 312 -7.88 -0.14 -23.26
CA MET B 312 -7.31 -1.48 -23.23
C MET B 312 -6.98 -1.94 -21.81
N THR B 313 -7.53 -1.27 -20.80
CA THR B 313 -7.24 -1.61 -19.42
C THR B 313 -8.46 -1.76 -18.53
N ILE B 314 -9.63 -1.29 -18.94
CA ILE B 314 -10.83 -1.39 -18.11
C ILE B 314 -11.27 -2.85 -18.04
N GLU B 315 -11.37 -3.38 -16.82
CA GLU B 315 -11.88 -4.73 -16.59
C GLU B 315 -13.31 -4.74 -16.08
N THR B 316 -13.67 -3.82 -15.20
CA THR B 316 -15.01 -3.75 -14.62
C THR B 316 -15.69 -2.47 -15.07
N VAL B 317 -16.82 -2.60 -15.75
CA VAL B 317 -17.65 -1.47 -16.16
C VAL B 317 -19.08 -1.76 -15.75
N ASP B 318 -19.73 -0.76 -15.12
CA ASP B 318 -21.09 -0.92 -14.62
C ASP B 318 -21.93 0.22 -15.16
N VAL B 319 -22.96 -0.12 -15.95
CA VAL B 319 -23.87 0.86 -16.53
C VAL B 319 -25.28 0.56 -16.05
N GLY B 320 -25.40 0.08 -14.81
CA GLY B 320 -26.70 -0.29 -14.29
C GLY B 320 -27.66 0.89 -14.24
N TRP B 321 -28.94 0.58 -14.43
CA TRP B 321 -30.04 1.55 -14.40
C TRP B 321 -29.87 2.67 -15.43
N CYS B 322 -29.10 2.43 -16.49
CA CYS B 322 -29.00 3.38 -17.59
C CYS B 322 -30.13 3.10 -18.59
N LYS B 323 -30.92 4.13 -18.88
CA LYS B 323 -32.14 3.93 -19.66
C LYS B 323 -31.83 3.53 -21.11
N GLU B 324 -30.84 4.18 -21.73
CA GLU B 324 -30.66 4.10 -23.18
C GLU B 324 -29.68 3.01 -23.60
N ILE B 325 -29.32 2.09 -22.72
CA ILE B 325 -28.44 0.98 -23.09
C ILE B 325 -29.25 -0.10 -23.80
N THR B 326 -28.72 -0.60 -24.91
CA THR B 326 -29.41 -1.59 -25.73
C THR B 326 -28.49 -2.80 -25.94
N ASP B 327 -28.96 -3.73 -26.78
CA ASP B 327 -28.17 -4.93 -27.07
C ASP B 327 -26.90 -4.60 -27.84
N GLN B 328 -26.97 -3.65 -28.76
CA GLN B 328 -25.84 -3.39 -29.66
C GLN B 328 -24.63 -2.87 -28.91
N GLY B 329 -24.84 -1.97 -27.94
CA GLY B 329 -23.72 -1.45 -27.18
C GLY B 329 -23.00 -2.52 -26.38
N ALA B 330 -23.75 -3.45 -25.79
CA ALA B 330 -23.14 -4.51 -25.00
C ALA B 330 -22.46 -5.55 -25.88
N THR B 331 -23.05 -5.84 -27.04
CA THR B 331 -22.38 -6.74 -27.99
C THR B 331 -21.08 -6.13 -28.48
N LEU B 332 -21.09 -4.84 -28.81
CA LEU B 332 -19.88 -4.19 -29.31
C LEU B 332 -18.82 -4.08 -28.22
N ILE B 333 -19.22 -3.84 -26.98
CA ILE B 333 -18.22 -3.75 -25.92
C ILE B 333 -17.70 -5.14 -25.55
N ALA B 334 -18.49 -6.19 -25.76
CA ALA B 334 -17.97 -7.54 -25.58
C ALA B 334 -17.06 -7.97 -26.71
N GLN B 335 -17.27 -7.42 -27.92
CA GLN B 335 -16.46 -7.78 -29.07
C GLN B 335 -15.15 -6.99 -29.14
N SER B 336 -15.14 -5.73 -28.72
CA SER B 336 -14.01 -4.85 -28.93
C SER B 336 -13.11 -4.67 -27.72
N SER B 337 -13.56 -5.05 -26.52
CA SER B 337 -12.79 -4.87 -25.30
C SER B 337 -12.06 -6.17 -24.96
N LYS B 338 -10.73 -6.11 -24.92
CA LYS B 338 -9.92 -7.29 -24.63
C LYS B 338 -9.73 -7.52 -23.14
N SER B 339 -9.77 -6.47 -22.33
CA SER B 339 -9.53 -6.58 -20.90
C SER B 339 -10.83 -6.70 -20.09
N LEU B 340 -11.99 -6.66 -20.74
CA LEU B 340 -13.26 -6.70 -20.03
C LEU B 340 -13.51 -8.09 -19.47
N ARG B 341 -13.89 -8.14 -18.18
CA ARG B 341 -14.27 -9.40 -17.54
C ARG B 341 -15.58 -9.30 -16.76
N TYR B 342 -16.08 -8.10 -16.47
CA TYR B 342 -17.32 -7.93 -15.74
C TYR B 342 -18.11 -6.78 -16.37
N LEU B 343 -19.30 -7.08 -16.87
CA LEU B 343 -20.17 -6.08 -17.48
C LEU B 343 -21.37 -5.86 -16.57
N GLY B 344 -21.52 -4.63 -16.08
CA GLY B 344 -22.60 -4.29 -15.18
C GLY B 344 -23.88 -3.87 -15.89
N LEU B 345 -24.55 -4.81 -16.52
CA LEU B 345 -25.79 -4.54 -17.27
C LEU B 345 -27.01 -4.76 -16.39
N MET B 346 -27.08 -4.02 -15.28
CA MET B 346 -28.13 -4.20 -14.29
C MET B 346 -29.33 -3.32 -14.63
N ARG B 347 -30.50 -3.93 -14.76
CA ARG B 347 -31.77 -3.22 -14.94
C ARG B 347 -31.74 -2.34 -16.19
N CYS B 348 -31.12 -2.85 -17.26
CA CYS B 348 -31.17 -2.19 -18.57
C CYS B 348 -32.36 -2.77 -19.31
N ASP B 349 -33.53 -2.16 -19.10
CA ASP B 349 -34.77 -2.73 -19.60
C ASP B 349 -34.81 -2.78 -21.12
N LYS B 350 -34.08 -1.90 -21.80
CA LYS B 350 -34.01 -1.92 -23.25
C LYS B 350 -33.09 -3.01 -23.78
N VAL B 351 -32.56 -3.87 -22.91
CA VAL B 351 -31.68 -4.97 -23.31
C VAL B 351 -32.46 -6.27 -23.24
N ASN B 352 -32.42 -7.04 -24.32
CA ASN B 352 -33.10 -8.33 -24.37
C ASN B 352 -32.30 -9.37 -23.59
N GLU B 353 -33.03 -10.25 -22.89
CA GLU B 353 -32.37 -11.26 -22.07
C GLU B 353 -31.82 -12.42 -22.90
N VAL B 354 -32.47 -12.73 -24.03
CA VAL B 354 -31.96 -13.78 -24.90
C VAL B 354 -30.61 -13.37 -25.49
N THR B 355 -30.44 -12.08 -25.78
CA THR B 355 -29.14 -11.60 -26.23
C THR B 355 -28.08 -11.78 -25.14
N VAL B 356 -28.43 -11.50 -23.89
CA VAL B 356 -27.49 -11.68 -22.79
C VAL B 356 -27.15 -13.16 -22.62
N GLU B 357 -28.13 -14.04 -22.83
CA GLU B 357 -27.86 -15.48 -22.73
C GLU B 357 -26.90 -15.92 -23.83
N GLN B 358 -27.14 -15.45 -25.07
CA GLN B 358 -26.21 -15.74 -26.15
C GLN B 358 -24.82 -15.22 -25.84
N LEU B 359 -24.73 -14.02 -25.25
CA LEU B 359 -23.43 -13.46 -24.91
C LEU B 359 -22.70 -14.31 -23.89
N VAL B 360 -23.39 -14.69 -22.80
CA VAL B 360 -22.75 -15.52 -21.78
C VAL B 360 -22.45 -16.91 -22.31
N GLN B 361 -23.11 -17.36 -23.38
CA GLN B 361 -22.79 -18.65 -23.95
C GLN B 361 -21.60 -18.61 -24.91
N GLN B 362 -21.44 -17.51 -25.66
CA GLN B 362 -20.37 -17.44 -26.67
C GLN B 362 -19.31 -16.40 -26.33
N TYR B 363 -19.18 -16.02 -25.06
CA TYR B 363 -18.12 -15.12 -24.61
C TYR B 363 -17.63 -15.57 -23.24
N PRO B 364 -16.49 -16.24 -23.17
CA PRO B 364 -15.97 -16.70 -21.88
C PRO B 364 -15.24 -15.58 -21.15
N HIS B 365 -14.93 -15.85 -19.88
CA HIS B 365 -14.21 -14.97 -18.98
C HIS B 365 -14.88 -13.62 -18.78
N ILE B 366 -16.15 -13.48 -19.17
CA ILE B 366 -16.92 -12.25 -18.97
C ILE B 366 -18.18 -12.62 -18.21
N THR B 367 -18.35 -12.03 -17.04
CA THR B 367 -19.49 -12.31 -16.17
C THR B 367 -20.53 -11.21 -16.39
N PHE B 368 -21.40 -11.42 -17.37
CA PHE B 368 -22.49 -10.48 -17.62
C PHE B 368 -23.45 -10.50 -16.43
N SER B 369 -23.71 -9.33 -15.86
CA SER B 369 -24.47 -9.21 -14.62
C SER B 369 -25.75 -8.42 -14.90
N THR B 370 -26.86 -9.15 -15.01
CA THR B 370 -28.19 -8.57 -15.11
C THR B 370 -29.02 -9.04 -13.92
N VAL B 371 -30.31 -8.69 -13.92
CA VAL B 371 -31.21 -9.14 -12.86
C VAL B 371 -31.37 -10.66 -12.92
N LEU B 372 -31.77 -11.17 -14.09
CA LEU B 372 -32.02 -12.60 -14.22
C LEU B 372 -30.73 -13.41 -14.07
N GLN B 373 -29.61 -12.87 -14.54
CA GLN B 373 -28.36 -13.62 -14.46
C GLN B 373 -27.88 -13.76 -13.01
N ASP B 374 -27.93 -12.67 -12.24
CA ASP B 374 -27.55 -12.74 -10.84
C ASP B 374 -28.55 -13.57 -10.04
N CYS B 375 -29.84 -13.46 -10.36
CA CYS B 375 -30.82 -14.33 -9.73
C CYS B 375 -30.54 -15.79 -10.02
N LYS B 376 -30.10 -16.10 -11.25
CA LYS B 376 -29.79 -17.49 -11.60
C LYS B 376 -28.55 -17.97 -10.87
N ARG B 377 -27.54 -17.11 -10.73
CA ARG B 377 -26.36 -17.49 -9.96
C ARG B 377 -26.72 -17.79 -8.50
N THR B 378 -27.51 -16.92 -7.89
CA THR B 378 -27.94 -17.15 -6.52
C THR B 378 -28.81 -18.41 -6.42
N LEU B 379 -29.65 -18.65 -7.42
CA LEU B 379 -30.50 -19.84 -7.40
C LEU B 379 -29.67 -21.12 -7.56
N GLU B 380 -28.58 -21.08 -8.32
CA GLU B 380 -27.71 -22.24 -8.40
C GLU B 380 -26.96 -22.47 -7.09
N ARG B 381 -26.47 -21.38 -6.48
CA ARG B 381 -25.82 -21.50 -5.18
C ARG B 381 -26.79 -22.03 -4.13
N ALA B 382 -28.10 -21.76 -4.29
CA ALA B 382 -29.10 -22.28 -3.36
C ALA B 382 -29.47 -23.72 -3.69
N TYR B 383 -29.58 -24.05 -4.98
CA TYR B 383 -29.91 -25.41 -5.40
C TYR B 383 -28.80 -26.39 -5.07
N GLN B 384 -27.57 -25.91 -4.89
CA GLN B 384 -26.53 -26.76 -4.30
C GLN B 384 -26.97 -27.32 -2.96
N MET B 385 -27.90 -26.65 -2.27
CA MET B 385 -28.54 -27.14 -1.05
C MET B 385 -30.06 -27.01 -1.23
N GLY B 386 -30.54 -27.45 -2.39
CA GLY B 386 -31.85 -27.04 -2.88
C GLY B 386 -32.99 -27.45 -1.98
N TRP B 387 -34.15 -26.86 -2.27
CA TRP B 387 -35.38 -27.07 -1.52
C TRP B 387 -36.55 -26.70 -2.43
N THR B 388 -37.75 -26.60 -1.84
CA THR B 388 -38.93 -26.19 -2.59
C THR B 388 -39.97 -25.56 -1.66
N ARG C 57 -59.81 1.13 7.53
CA ARG C 57 -59.80 0.22 6.38
C ARG C 57 -58.38 -0.21 6.04
N THR C 58 -58.23 -0.91 4.91
CA THR C 58 -56.94 -1.44 4.51
C THR C 58 -56.83 -1.39 3.00
N PHE C 59 -55.71 -0.89 2.50
CA PHE C 59 -55.42 -0.85 1.07
C PHE C 59 -54.33 -1.84 0.73
N SER C 60 -54.30 -2.23 -0.55
CA SER C 60 -53.32 -3.21 -1.02
C SER C 60 -53.02 -2.95 -2.49
N TYR C 61 -51.88 -3.48 -2.94
CA TYR C 61 -51.45 -3.33 -4.32
C TYR C 61 -50.60 -4.52 -4.71
N THR C 62 -50.98 -5.19 -5.80
CA THR C 62 -50.29 -6.38 -6.29
C THR C 62 -49.82 -6.14 -7.71
N LEU C 63 -48.64 -6.67 -8.04
CA LEU C 63 -48.01 -6.48 -9.34
C LEU C 63 -47.60 -7.83 -9.91
N GLU C 64 -47.74 -7.97 -11.22
CA GLU C 64 -47.36 -9.18 -11.94
C GLU C 64 -46.35 -8.83 -13.03
N ASP C 65 -45.23 -9.55 -13.05
CA ASP C 65 -44.16 -9.26 -14.00
C ASP C 65 -43.42 -10.53 -14.42
N HIS C 66 -42.25 -10.38 -15.03
CA HIS C 66 -41.52 -11.49 -15.62
C HIS C 66 -40.84 -12.35 -14.57
N THR C 67 -40.61 -11.81 -13.36
CA THR C 67 -39.95 -12.53 -12.28
C THR C 67 -40.93 -13.25 -11.37
N LYS C 68 -42.08 -13.66 -11.88
CA LYS C 68 -43.10 -14.31 -11.05
C LYS C 68 -42.57 -15.60 -10.44
N GLN C 69 -41.53 -16.20 -11.01
CA GLN C 69 -40.94 -17.42 -10.48
C GLN C 69 -39.77 -17.13 -9.54
N ALA C 70 -38.92 -16.18 -9.90
CA ALA C 70 -37.73 -15.90 -9.09
C ALA C 70 -38.10 -15.23 -7.76
N PHE C 71 -39.09 -14.33 -7.79
CA PHE C 71 -39.43 -13.59 -6.57
C PHE C 71 -39.95 -14.51 -5.48
N GLY C 72 -40.75 -15.51 -5.85
CA GLY C 72 -41.29 -16.41 -4.84
C GLY C 72 -40.22 -17.25 -4.17
N ILE C 73 -39.31 -17.82 -4.96
CA ILE C 73 -38.26 -18.65 -4.39
C ILE C 73 -37.27 -17.79 -3.62
N MET C 74 -37.03 -16.55 -4.04
CA MET C 74 -36.18 -15.65 -3.27
C MET C 74 -36.83 -15.28 -1.94
N ASN C 75 -38.15 -15.11 -1.93
CA ASN C 75 -38.84 -14.83 -0.67
C ASN C 75 -38.80 -16.04 0.25
N GLU C 76 -38.96 -17.25 -0.30
CA GLU C 76 -38.82 -18.45 0.50
C GLU C 76 -37.39 -18.58 1.06
N LEU C 77 -36.40 -18.19 0.27
CA LEU C 77 -35.02 -18.15 0.75
C LEU C 77 -34.87 -17.15 1.90
N ARG C 78 -35.47 -15.97 1.76
CA ARG C 78 -35.40 -14.97 2.81
C ARG C 78 -36.04 -15.47 4.10
N LEU C 79 -37.18 -16.15 3.98
CA LEU C 79 -37.83 -16.72 5.17
C LEU C 79 -36.99 -17.83 5.80
N SER C 80 -36.13 -18.48 5.02
CA SER C 80 -35.25 -19.52 5.56
C SER C 80 -33.96 -18.96 6.16
N GLN C 81 -33.62 -17.70 5.87
CA GLN C 81 -32.45 -17.03 6.42
C GLN C 81 -31.15 -17.75 6.08
N GLN C 82 -31.12 -18.47 4.95
CA GLN C 82 -29.92 -19.23 4.61
C GLN C 82 -28.88 -18.33 3.95
N LEU C 83 -29.19 -17.84 2.75
CA LEU C 83 -28.28 -16.95 2.03
C LEU C 83 -28.72 -15.50 2.23
N CYS C 84 -27.88 -14.71 2.90
CA CYS C 84 -28.12 -13.28 3.05
C CYS C 84 -26.79 -12.55 2.99
N ASP C 85 -26.80 -11.38 2.36
CA ASP C 85 -25.60 -10.54 2.29
C ASP C 85 -25.90 -9.07 2.55
N VAL C 86 -27.12 -8.73 2.95
CA VAL C 86 -27.50 -7.36 3.26
C VAL C 86 -28.23 -7.35 4.60
N THR C 87 -27.79 -6.47 5.51
CA THR C 87 -28.38 -6.33 6.83
C THR C 87 -28.79 -4.88 7.02
N LEU C 88 -30.09 -4.65 7.24
CA LEU C 88 -30.64 -3.30 7.38
C LEU C 88 -31.02 -3.06 8.83
N GLN C 89 -30.47 -2.00 9.43
CA GLN C 89 -30.78 -1.60 10.80
C GLN C 89 -31.62 -0.33 10.75
N VAL C 90 -32.95 -0.50 10.88
CA VAL C 90 -33.88 0.61 10.79
C VAL C 90 -34.12 1.21 12.17
N LYS C 91 -34.16 2.55 12.23
CA LYS C 91 -34.39 3.30 13.45
C LYS C 91 -35.30 4.48 13.13
N TYR C 92 -36.24 4.79 14.01
CA TYR C 92 -37.17 5.89 13.78
C TYR C 92 -37.61 6.50 15.10
N GLN C 93 -36.81 7.46 15.60
CA GLN C 93 -37.17 8.47 16.58
C GLN C 93 -37.42 7.95 17.99
N ASP C 94 -37.65 6.64 18.12
CA ASP C 94 -37.59 5.92 19.40
C ASP C 94 -37.55 4.41 19.21
N ALA C 95 -37.75 3.94 17.98
CA ALA C 95 -38.00 2.52 17.74
C ALA C 95 -36.77 1.68 18.04
N PRO C 96 -36.96 0.39 18.33
CA PRO C 96 -35.80 -0.50 18.44
C PRO C 96 -35.10 -0.61 17.08
N ALA C 97 -33.79 -0.85 17.16
CA ALA C 97 -32.96 -0.90 15.96
C ALA C 97 -33.27 -2.19 15.22
N ALA C 98 -34.37 -2.17 14.46
CA ALA C 98 -34.86 -3.38 13.82
C ALA C 98 -33.84 -3.89 12.80
N GLN C 99 -33.58 -5.19 12.84
CA GLN C 99 -32.53 -5.80 12.04
C GLN C 99 -33.19 -6.76 11.05
N PHE C 100 -33.12 -6.41 9.77
CA PHE C 100 -33.65 -7.25 8.70
C PHE C 100 -32.51 -7.80 7.87
N MET C 101 -32.69 -9.02 7.37
CA MET C 101 -31.70 -9.66 6.51
C MET C 101 -32.32 -9.92 5.15
N ALA C 102 -31.60 -9.56 4.10
CA ALA C 102 -32.13 -9.67 2.75
C ALA C 102 -30.98 -9.71 1.75
N HIS C 103 -31.31 -10.07 0.51
CA HIS C 103 -30.34 -10.14 -0.56
C HIS C 103 -30.21 -8.80 -1.26
N LYS C 104 -29.00 -8.53 -1.75
CA LYS C 104 -28.77 -7.32 -2.54
C LYS C 104 -29.50 -7.37 -3.87
N VAL C 105 -29.74 -8.57 -4.40
CA VAL C 105 -30.27 -8.70 -5.76
C VAL C 105 -31.70 -8.18 -5.84
N ALA C 106 -32.56 -8.63 -4.92
CA ALA C 106 -33.96 -8.20 -4.96
C ALA C 106 -34.10 -6.73 -4.64
N LEU C 107 -33.33 -6.24 -3.67
CA LEU C 107 -33.41 -4.82 -3.31
C LEU C 107 -32.89 -3.93 -4.43
N ALA C 108 -31.91 -4.40 -5.19
CA ALA C 108 -31.43 -3.64 -6.34
C ALA C 108 -32.40 -3.73 -7.52
N SER C 109 -33.08 -4.86 -7.68
CA SER C 109 -34.04 -5.01 -8.76
C SER C 109 -35.35 -4.30 -8.47
N SER C 110 -35.61 -3.92 -7.21
CA SER C 110 -36.84 -3.24 -6.86
C SER C 110 -36.66 -1.75 -6.58
N SER C 111 -35.43 -1.27 -6.36
CA SER C 111 -35.18 0.14 -6.10
C SER C 111 -33.82 0.53 -6.65
N PRO C 112 -33.72 1.62 -7.41
CA PRO C 112 -32.39 2.06 -7.88
C PRO C 112 -31.51 2.58 -6.76
N VAL C 113 -32.09 3.09 -5.68
CA VAL C 113 -31.29 3.61 -4.57
C VAL C 113 -30.53 2.48 -3.89
N PHE C 114 -31.19 1.34 -3.69
CA PHE C 114 -30.50 0.19 -3.11
C PHE C 114 -29.38 -0.29 -4.02
N LYS C 115 -29.61 -0.27 -5.34
CA LYS C 115 -28.56 -0.66 -6.27
C LYS C 115 -27.38 0.29 -6.20
N ALA C 116 -27.64 1.59 -6.10
CA ALA C 116 -26.56 2.56 -5.98
C ALA C 116 -25.79 2.39 -4.66
N MET C 117 -26.51 2.06 -3.58
CA MET C 117 -25.85 1.87 -2.30
C MET C 117 -25.09 0.56 -2.22
N PHE C 118 -25.46 -0.43 -3.03
CA PHE C 118 -24.78 -1.73 -3.03
C PHE C 118 -23.56 -1.76 -3.95
N THR C 119 -23.37 -0.76 -4.80
CA THR C 119 -22.20 -0.68 -5.67
C THR C 119 -21.09 0.14 -5.01
N ASN C 120 -20.61 -0.38 -3.88
CA ASN C 120 -19.55 0.28 -3.13
C ASN C 120 -18.17 0.00 -3.70
N GLY C 121 -18.04 -0.92 -4.65
CA GLY C 121 -16.78 -1.23 -5.27
C GLY C 121 -16.04 -2.42 -4.69
N LEU C 122 -16.36 -2.80 -3.46
CA LEU C 122 -15.65 -3.90 -2.80
C LEU C 122 -16.61 -4.61 -1.86
N ARG C 123 -16.93 -5.87 -2.18
CA ARG C 123 -17.84 -6.67 -1.36
C ARG C 123 -17.19 -8.00 -0.99
N GLU C 124 -15.94 -7.95 -0.53
CA GLU C 124 -15.19 -9.18 -0.28
C GLU C 124 -15.76 -9.95 0.91
N GLN C 125 -16.15 -9.25 1.96
CA GLN C 125 -16.61 -9.91 3.18
C GLN C 125 -18.05 -10.42 3.08
N GLY C 126 -18.73 -10.16 1.97
CA GLY C 126 -20.05 -10.71 1.74
C GLY C 126 -21.16 -10.00 2.48
N MET C 127 -21.22 -10.20 3.80
CA MET C 127 -22.25 -9.57 4.60
C MET C 127 -21.95 -8.09 4.79
N GLU C 128 -22.92 -7.24 4.50
CA GLU C 128 -22.81 -5.80 4.68
C GLU C 128 -23.99 -5.31 5.50
N VAL C 129 -23.72 -4.40 6.44
CA VAL C 129 -24.74 -3.83 7.30
C VAL C 129 -24.96 -2.38 6.87
N VAL C 130 -26.20 -2.04 6.55
CA VAL C 130 -26.57 -0.72 6.06
C VAL C 130 -27.59 -0.13 7.03
N SER C 131 -27.15 0.87 7.80
CA SER C 131 -28.05 1.54 8.73
C SER C 131 -28.94 2.52 7.99
N ILE C 132 -30.25 2.45 8.27
CA ILE C 132 -31.24 3.28 7.60
C ILE C 132 -31.96 4.12 8.66
N GLU C 133 -32.13 5.40 8.37
CA GLU C 133 -32.81 6.33 9.25
C GLU C 133 -33.98 6.98 8.53
N GLY C 134 -34.76 7.77 9.28
CA GLY C 134 -35.85 8.54 8.73
C GLY C 134 -37.07 7.75 8.31
N ILE C 135 -37.10 6.44 8.51
CA ILE C 135 -38.22 5.61 8.11
C ILE C 135 -38.54 4.64 9.25
N HIS C 136 -39.83 4.37 9.44
CA HIS C 136 -40.25 3.45 10.48
C HIS C 136 -39.93 2.01 10.07
N PRO C 137 -39.55 1.15 11.02
CA PRO C 137 -39.23 -0.24 10.66
C PRO C 137 -40.37 -0.98 9.99
N LYS C 138 -41.62 -0.68 10.34
CA LYS C 138 -42.75 -1.35 9.69
C LYS C 138 -42.86 -0.95 8.22
N VAL C 139 -42.60 0.32 7.91
CA VAL C 139 -42.63 0.78 6.53
C VAL C 139 -41.55 0.09 5.72
N MET C 140 -40.34 -0.02 6.28
CA MET C 140 -39.25 -0.71 5.58
C MET C 140 -39.58 -2.19 5.41
N GLU C 141 -40.22 -2.79 6.40
CA GLU C 141 -40.63 -4.19 6.28
C GLU C 141 -41.64 -4.38 5.15
N ARG C 142 -42.61 -3.47 5.05
CA ARG C 142 -43.59 -3.56 3.98
C ARG C 142 -42.94 -3.34 2.61
N LEU C 143 -41.95 -2.43 2.55
CA LEU C 143 -41.23 -2.22 1.30
C LEU C 143 -40.45 -3.46 0.89
N ILE C 144 -39.80 -4.12 1.85
CA ILE C 144 -39.08 -5.35 1.55
C ILE C 144 -40.04 -6.46 1.12
N GLU C 145 -41.22 -6.52 1.77
CA GLU C 145 -42.21 -7.51 1.38
C GLU C 145 -42.71 -7.28 -0.04
N PHE C 146 -42.88 -6.01 -0.42
CA PHE C 146 -43.24 -5.70 -1.81
C PHE C 146 -42.10 -6.07 -2.76
N ALA C 147 -40.85 -5.80 -2.35
CA ALA C 147 -39.71 -6.13 -3.20
C ALA C 147 -39.59 -7.63 -3.43
N TYR C 148 -39.95 -8.44 -2.43
CA TYR C 148 -39.79 -9.88 -2.53
C TYR C 148 -41.01 -10.58 -3.12
N THR C 149 -42.21 -10.03 -2.92
CA THR C 149 -43.44 -10.70 -3.34
C THR C 149 -44.23 -9.93 -4.39
N ALA C 150 -43.77 -8.74 -4.79
CA ALA C 150 -44.49 -7.89 -5.74
C ALA C 150 -45.90 -7.58 -5.27
N SER C 151 -46.09 -7.47 -3.96
CA SER C 151 -47.39 -7.19 -3.37
C SER C 151 -47.19 -6.52 -2.02
N ILE C 152 -47.98 -5.49 -1.75
CA ILE C 152 -47.87 -4.72 -0.52
C ILE C 152 -49.27 -4.45 0.02
N SER C 153 -49.36 -4.28 1.34
CA SER C 153 -50.61 -3.97 2.02
C SER C 153 -50.33 -2.98 3.14
N MET C 154 -51.30 -2.13 3.43
CA MET C 154 -51.11 -1.08 4.42
C MET C 154 -52.46 -0.66 4.99
N GLY C 155 -52.41 -0.02 6.15
CA GLY C 155 -53.60 0.57 6.72
C GLY C 155 -53.93 1.92 6.11
N GLU C 156 -55.18 2.35 6.29
CA GLU C 156 -55.61 3.62 5.72
C GLU C 156 -54.92 4.83 6.34
N LYS C 157 -54.23 4.66 7.47
CA LYS C 157 -53.51 5.75 8.11
C LYS C 157 -52.00 5.67 7.93
N CYS C 158 -51.49 4.59 7.36
CA CYS C 158 -50.06 4.41 7.13
C CYS C 158 -49.67 4.55 5.67
N VAL C 159 -50.59 5.02 4.82
CA VAL C 159 -50.28 5.16 3.40
C VAL C 159 -49.22 6.24 3.18
N LEU C 160 -49.27 7.31 3.98
CA LEU C 160 -48.34 8.42 3.79
C LEU C 160 -46.90 8.00 4.06
N HIS C 161 -46.68 7.22 5.11
CA HIS C 161 -45.32 6.78 5.43
C HIS C 161 -44.79 5.84 4.36
N VAL C 162 -45.63 4.94 3.86
CA VAL C 162 -45.22 4.04 2.79
C VAL C 162 -44.87 4.83 1.53
N MET C 163 -45.68 5.84 1.22
CA MET C 163 -45.41 6.66 0.04
C MET C 163 -44.10 7.44 0.22
N ASN C 164 -43.86 7.96 1.42
CA ASN C 164 -42.62 8.67 1.69
C ASN C 164 -41.42 7.75 1.50
N GLY C 165 -41.49 6.54 2.06
CA GLY C 165 -40.39 5.59 1.89
C GLY C 165 -40.17 5.22 0.44
N ALA C 166 -41.27 4.99 -0.30
CA ALA C 166 -41.14 4.62 -1.71
C ALA C 166 -40.54 5.75 -2.54
N VAL C 167 -40.95 6.99 -2.27
CA VAL C 167 -40.34 8.13 -2.96
C VAL C 167 -38.87 8.26 -2.59
N MET C 168 -38.53 7.98 -1.34
CA MET C 168 -37.14 8.02 -0.92
C MET C 168 -36.32 6.93 -1.61
N TYR C 169 -36.95 5.81 -1.97
CA TYR C 169 -36.25 4.73 -2.65
C TYR C 169 -36.70 4.55 -4.10
N GLN C 170 -37.55 5.46 -4.61
CA GLN C 170 -37.91 5.52 -6.02
C GLN C 170 -38.48 4.18 -6.54
N ILE C 171 -39.58 3.77 -5.92
CA ILE C 171 -40.35 2.62 -6.37
C ILE C 171 -41.64 3.15 -6.98
N ASP C 172 -41.66 3.27 -8.31
CA ASP C 172 -42.72 4.02 -8.98
C ASP C 172 -44.08 3.36 -8.81
N SER C 173 -44.14 2.03 -8.83
CA SER C 173 -45.43 1.34 -8.78
C SER C 173 -46.18 1.64 -7.50
N VAL C 174 -45.54 1.39 -6.35
CA VAL C 174 -46.21 1.66 -5.08
C VAL C 174 -46.35 3.16 -4.85
N VAL C 175 -45.49 3.98 -5.45
CA VAL C 175 -45.68 5.43 -5.38
C VAL C 175 -47.01 5.82 -6.01
N ARG C 176 -47.27 5.33 -7.22
CA ARG C 176 -48.54 5.63 -7.89
C ARG C 176 -49.71 5.02 -7.13
N ALA C 177 -49.53 3.81 -6.58
CA ALA C 177 -50.59 3.17 -5.81
C ALA C 177 -50.96 4.01 -4.58
N CYS C 178 -49.96 4.47 -3.83
CA CYS C 178 -50.23 5.28 -2.65
C CYS C 178 -50.77 6.65 -3.02
N SER C 179 -50.37 7.21 -4.17
CA SER C 179 -50.95 8.46 -4.63
C SER C 179 -52.44 8.29 -4.92
N ASP C 180 -52.80 7.21 -5.63
CA ASP C 180 -54.20 6.93 -5.89
C ASP C 180 -54.97 6.69 -4.59
N PHE C 181 -54.33 6.03 -3.61
CA PHE C 181 -55.00 5.78 -2.34
C PHE C 181 -55.25 7.08 -1.58
N LEU C 182 -54.25 7.98 -1.54
CA LEU C 182 -54.43 9.26 -0.88
C LEU C 182 -55.46 10.12 -1.60
N VAL C 183 -55.58 9.97 -2.92
CA VAL C 183 -56.62 10.70 -3.65
C VAL C 183 -57.99 10.13 -3.31
N GLN C 184 -58.09 8.80 -3.16
CA GLN C 184 -59.37 8.17 -2.85
C GLN C 184 -59.82 8.40 -1.42
N GLN C 185 -58.96 8.96 -0.56
CA GLN C 185 -59.31 9.23 0.83
C GLN C 185 -59.91 10.63 1.02
N LEU C 186 -60.47 11.20 -0.04
CA LEU C 186 -61.07 12.54 0.05
C LEU C 186 -62.56 12.50 -0.27
N ILE D 15 22.14 -32.24 26.13
CA ILE D 15 23.18 -32.24 25.10
C ILE D 15 24.54 -32.05 25.76
N GLY D 16 25.04 -30.81 25.72
CA GLY D 16 26.32 -30.51 26.31
C GLY D 16 27.01 -29.40 25.56
N LEU D 17 27.61 -28.45 26.28
CA LEU D 17 28.18 -27.26 25.67
C LEU D 17 29.70 -27.30 25.57
N ASP D 18 30.40 -27.87 26.54
CA ASP D 18 31.85 -27.93 26.49
C ASP D 18 32.34 -28.86 25.39
N GLN D 19 31.41 -29.53 24.70
CA GLN D 19 31.75 -30.41 23.59
C GLN D 19 31.05 -30.05 22.29
N ILE D 20 29.96 -29.29 22.33
CA ILE D 20 29.26 -28.85 21.13
C ILE D 20 29.57 -27.39 20.81
N TRP D 21 29.50 -26.51 21.81
CA TRP D 21 29.72 -25.09 21.56
C TRP D 21 31.09 -24.84 20.95
N ASP D 22 32.14 -25.37 21.58
CA ASP D 22 33.51 -25.18 21.07
C ASP D 22 33.59 -25.49 19.57
N ASP D 23 32.98 -26.62 19.16
CA ASP D 23 32.88 -26.93 17.74
C ASP D 23 32.20 -25.81 16.97
N LEU D 24 31.19 -25.17 17.57
CA LEU D 24 30.43 -24.15 16.86
C LEU D 24 31.16 -22.83 16.77
N ARG D 25 31.87 -22.42 17.82
CA ARG D 25 32.74 -21.26 17.73
C ARG D 25 33.87 -21.49 16.74
N ALA D 26 34.44 -22.71 16.73
CA ALA D 26 35.46 -23.03 15.75
C ALA D 26 34.90 -22.95 14.33
N GLY D 27 33.68 -23.46 14.13
CA GLY D 27 33.08 -23.39 12.82
C GLY D 27 32.77 -21.97 12.38
N ILE D 28 32.33 -21.12 13.31
CA ILE D 28 32.09 -19.72 12.98
C ILE D 28 33.40 -19.00 12.71
N GLN D 29 34.49 -19.43 13.37
CA GLN D 29 35.79 -18.84 13.11
C GLN D 29 36.26 -19.19 11.71
N GLN D 30 36.22 -20.48 11.37
CA GLN D 30 36.40 -20.92 9.99
C GLN D 30 35.56 -20.10 9.01
N VAL D 31 34.24 -20.11 9.18
CA VAL D 31 33.29 -19.46 8.29
C VAL D 31 33.56 -17.97 8.19
N TYR D 32 34.29 -17.42 9.16
CA TYR D 32 34.77 -16.04 9.09
C TYR D 32 36.15 -15.94 8.43
N THR D 33 36.54 -16.96 7.68
CA THR D 33 37.75 -16.96 6.87
C THR D 33 37.44 -17.78 5.63
N ARG D 34 37.87 -17.31 4.47
CA ARG D 34 37.35 -17.86 3.22
C ARG D 34 38.19 -19.08 2.81
N GLN D 35 38.16 -20.08 3.70
CA GLN D 35 38.70 -21.43 3.55
C GLN D 35 37.77 -22.38 2.72
N SER D 36 36.59 -21.97 2.27
CA SER D 36 35.77 -22.77 1.37
C SER D 36 35.42 -24.15 1.93
N MET D 37 34.69 -24.20 3.03
CA MET D 37 34.37 -25.46 3.68
C MET D 37 33.22 -26.19 2.98
N ALA D 38 33.26 -27.51 3.06
CA ALA D 38 32.30 -28.36 2.37
C ALA D 38 30.94 -28.31 3.04
N LYS D 39 29.91 -28.81 2.33
CA LYS D 39 28.54 -28.80 2.81
C LYS D 39 28.40 -29.51 4.15
N SER D 40 29.35 -30.40 4.45
CA SER D 40 29.32 -31.10 5.72
C SER D 40 29.54 -30.17 6.89
N ARG D 41 30.32 -29.10 6.74
CA ARG D 41 30.61 -28.19 7.85
C ARG D 41 29.53 -27.13 8.05
N TYR D 42 29.08 -26.49 6.97
CA TYR D 42 27.85 -25.71 6.99
C TYR D 42 26.75 -26.46 7.72
N MET D 43 26.43 -27.66 7.21
CA MET D 43 25.33 -28.43 7.76
C MET D 43 25.57 -28.83 9.21
N GLU D 44 26.80 -29.22 9.55
CA GLU D 44 27.11 -29.52 10.95
C GLU D 44 26.80 -28.33 11.85
N LEU D 45 27.23 -27.13 11.46
CA LEU D 45 27.00 -25.95 12.29
C LEU D 45 25.51 -25.65 12.41
N TYR D 46 24.81 -25.59 11.27
CA TYR D 46 23.37 -25.42 11.26
C TYR D 46 22.67 -26.42 12.19
N THR D 47 22.99 -27.70 12.01
CA THR D 47 22.54 -28.77 12.90
C THR D 47 22.74 -28.42 14.38
N HIS D 48 23.98 -28.10 14.75
CA HIS D 48 24.33 -27.70 16.12
C HIS D 48 23.37 -26.64 16.65
N VAL D 49 23.19 -25.58 15.87
CA VAL D 49 22.30 -24.47 16.23
C VAL D 49 20.90 -25.00 16.48
N TYR D 50 20.34 -25.68 15.48
CA TYR D 50 18.99 -26.25 15.55
C TYR D 50 18.80 -27.11 16.80
N ASN D 51 19.74 -28.03 17.04
CA ASN D 51 19.63 -28.96 18.15
C ASN D 51 19.71 -28.24 19.49
N TYR D 52 20.58 -27.23 19.57
CA TYR D 52 20.64 -26.42 20.78
C TYR D 52 19.29 -25.78 21.07
N CYS D 53 18.72 -25.08 20.09
CA CYS D 53 17.41 -24.46 20.28
C CYS D 53 16.29 -25.46 20.05
N THR D 54 16.41 -26.65 20.65
CA THR D 54 15.35 -27.65 20.61
C THR D 54 15.49 -28.59 21.79
N SER D 55 14.69 -28.41 22.82
CA SER D 55 14.77 -29.23 24.02
C SER D 55 13.47 -29.14 24.82
N GLN D 82 10.54 -22.11 25.68
CA GLN D 82 10.74 -21.55 24.35
C GLN D 82 11.94 -20.60 24.35
N PHE D 83 12.54 -20.46 25.53
CA PHE D 83 13.71 -19.60 25.74
C PHE D 83 14.89 -19.96 24.85
N VAL D 84 15.33 -21.22 24.92
CA VAL D 84 16.68 -21.64 24.55
C VAL D 84 17.19 -20.99 23.28
N GLY D 85 18.38 -20.40 23.35
CA GLY D 85 18.99 -19.68 22.25
C GLY D 85 19.65 -18.41 22.75
N LEU D 86 19.14 -17.90 23.87
CA LEU D 86 19.68 -16.76 24.57
C LEU D 86 21.20 -16.85 24.78
N GLU D 87 21.64 -17.90 25.49
CA GLU D 87 23.06 -18.20 25.67
C GLU D 87 23.82 -18.14 24.35
N LEU D 88 23.37 -18.94 23.37
CA LEU D 88 23.98 -18.95 22.05
C LEU D 88 24.05 -17.55 21.45
N TYR D 89 22.99 -16.76 21.62
CA TYR D 89 22.99 -15.39 21.09
C TYR D 89 24.09 -14.56 21.75
N LYS D 90 24.16 -14.59 23.08
CA LYS D 90 25.20 -13.87 23.79
C LYS D 90 26.58 -14.31 23.34
N ARG D 91 26.75 -15.61 23.10
CA ARG D 91 28.05 -16.12 22.66
C ARG D 91 28.40 -15.60 21.27
N LEU D 92 27.44 -15.60 20.35
CA LEU D 92 27.65 -15.01 19.04
C LEU D 92 28.06 -13.54 19.15
N LYS D 93 27.29 -12.77 19.94
CA LYS D 93 27.61 -11.36 20.18
C LYS D 93 29.01 -11.17 20.71
N GLU D 94 29.41 -11.99 21.69
CA GLU D 94 30.75 -11.89 22.24
C GLU D 94 31.81 -12.19 21.19
N PHE D 95 31.61 -13.27 20.43
CA PHE D 95 32.50 -13.62 19.32
C PHE D 95 32.69 -12.45 18.36
N LEU D 96 31.58 -11.81 17.95
CA LEU D 96 31.67 -10.72 16.99
C LEU D 96 32.34 -9.50 17.59
N LYS D 97 31.96 -9.14 18.82
CA LYS D 97 32.59 -8.04 19.54
C LYS D 97 34.09 -8.23 19.61
N ASN D 98 34.54 -9.40 20.08
CA ASN D 98 35.97 -9.68 20.21
C ASN D 98 36.66 -9.66 18.85
N TYR D 99 36.03 -10.26 17.84
CA TYR D 99 36.62 -10.33 16.51
C TYR D 99 36.86 -8.93 15.94
N LEU D 100 35.85 -8.05 16.05
CA LEU D 100 36.02 -6.69 15.56
C LEU D 100 37.01 -5.91 16.41
N THR D 101 36.82 -5.91 17.73
CA THR D 101 37.71 -5.16 18.62
C THR D 101 39.15 -5.66 18.59
N ASN D 102 39.40 -6.82 18.01
CA ASN D 102 40.76 -7.31 17.89
C ASN D 102 41.11 -7.55 16.43
N LEU D 103 40.60 -6.68 15.55
CA LEU D 103 41.10 -6.52 14.20
C LEU D 103 41.12 -5.02 13.93
N LEU D 104 40.74 -4.26 14.95
CA LEU D 104 40.78 -2.80 14.88
C LEU D 104 42.18 -2.27 15.08
N LYS D 105 42.97 -2.91 15.96
CA LYS D 105 44.37 -2.57 16.10
C LYS D 105 45.10 -2.66 14.77
N ASP D 106 44.63 -3.51 13.86
CA ASP D 106 45.15 -3.55 12.50
C ASP D 106 44.63 -2.41 11.65
N GLY D 107 43.57 -1.73 12.08
CA GLY D 107 42.94 -0.71 11.27
C GLY D 107 43.26 0.72 11.69
N GLU D 108 43.34 0.97 13.00
CA GLU D 108 43.66 2.30 13.50
C GLU D 108 45.02 2.75 12.97
N ASP D 109 45.17 4.06 12.78
CA ASP D 109 46.41 4.78 12.47
C ASP D 109 46.85 4.59 11.02
N LEU D 110 46.11 3.84 10.20
CA LEU D 110 46.50 3.62 8.82
C LEU D 110 46.46 4.91 8.01
N MET D 111 47.29 4.96 6.98
CA MET D 111 47.33 6.12 6.11
C MET D 111 46.02 6.27 5.35
N ASP D 112 45.80 7.47 4.80
CA ASP D 112 44.55 7.77 4.11
C ASP D 112 44.60 7.29 2.64
N GLU D 113 45.38 6.24 2.43
CA GLU D 113 45.20 5.40 1.25
C GLU D 113 44.95 3.96 1.67
N SER D 114 45.85 3.44 2.51
CA SER D 114 45.75 2.05 2.96
C SER D 114 44.46 1.80 3.73
N VAL D 115 43.96 2.82 4.46
CA VAL D 115 42.80 2.61 5.32
C VAL D 115 41.57 2.29 4.48
N LEU D 116 41.43 2.93 3.31
CA LEU D 116 40.31 2.61 2.43
C LEU D 116 40.37 1.16 1.95
N LYS D 117 41.55 0.73 1.50
CA LYS D 117 41.75 -0.68 1.17
C LYS D 117 41.32 -1.58 2.31
N PHE D 118 41.83 -1.32 3.51
CA PHE D 118 41.54 -2.17 4.67
C PHE D 118 40.04 -2.19 4.96
N TYR D 119 39.38 -1.04 4.84
CA TYR D 119 37.98 -0.90 5.26
C TYR D 119 37.09 -1.59 4.24
N THR D 120 37.21 -1.20 2.97
CA THR D 120 36.55 -1.91 1.88
C THR D 120 36.70 -3.42 1.98
N GLN D 121 37.94 -3.91 2.02
CA GLN D 121 38.19 -5.35 1.98
C GLN D 121 37.57 -6.05 3.18
N GLN D 122 37.89 -5.58 4.39
CA GLN D 122 37.34 -6.20 5.59
C GLN D 122 35.82 -6.12 5.62
N TRP D 123 35.23 -5.02 5.11
CA TRP D 123 33.78 -4.89 5.08
C TRP D 123 33.17 -5.92 4.13
N GLU D 124 33.73 -6.05 2.92
CA GLU D 124 33.28 -7.06 1.98
C GLU D 124 33.30 -8.46 2.61
N ASP D 125 34.51 -8.90 3.02
CA ASP D 125 34.67 -10.20 3.65
C ASP D 125 33.75 -10.39 4.86
N TYR D 126 33.53 -9.31 5.62
CA TYR D 126 32.78 -9.38 6.86
C TYR D 126 31.29 -9.45 6.61
N ARG D 127 30.80 -8.73 5.60
CA ARG D 127 29.41 -8.86 5.20
C ARG D 127 29.13 -10.21 4.57
N PHE D 128 30.08 -10.78 3.83
CA PHE D 128 29.90 -12.14 3.31
C PHE D 128 29.81 -13.14 4.45
N SER D 129 30.73 -13.03 5.43
CA SER D 129 30.70 -13.94 6.56
C SER D 129 29.48 -13.69 7.46
N SER D 130 29.06 -12.43 7.60
CA SER D 130 27.86 -12.11 8.36
C SER D 130 26.63 -12.75 7.72
N LYS D 131 26.49 -12.62 6.40
CA LYS D 131 25.36 -13.23 5.71
C LYS D 131 25.38 -14.76 5.85
N VAL D 132 26.55 -15.37 5.65
CA VAL D 132 26.63 -16.82 5.80
C VAL D 132 26.44 -17.27 7.24
N LEU D 133 26.73 -16.41 8.23
CA LEU D 133 26.49 -16.77 9.63
C LEU D 133 25.02 -16.63 9.99
N ASN D 134 24.37 -15.57 9.52
CA ASN D 134 22.93 -15.46 9.61
C ASN D 134 22.26 -16.65 8.96
N GLY D 135 22.84 -17.17 7.87
CA GLY D 135 22.29 -18.35 7.24
C GLY D 135 22.48 -19.60 8.09
N ILE D 136 23.65 -19.72 8.70
CA ILE D 136 23.95 -20.83 9.61
C ILE D 136 22.98 -20.84 10.78
N CYS D 137 22.59 -19.65 11.24
CA CYS D 137 21.83 -19.51 12.48
C CYS D 137 20.38 -19.10 12.26
N ALA D 138 19.90 -19.13 11.01
CA ALA D 138 18.50 -18.88 10.68
C ALA D 138 17.50 -19.48 11.66
N TYR D 139 17.70 -20.74 12.07
CA TYR D 139 16.75 -21.35 12.99
C TYR D 139 16.66 -20.58 14.30
N LEU D 140 17.79 -20.07 14.81
CA LEU D 140 17.73 -19.20 15.97
C LEU D 140 17.12 -17.85 15.61
N ASN D 141 17.30 -17.43 14.35
CA ASN D 141 16.82 -16.12 13.92
C ASN D 141 15.31 -16.01 13.97
N ARG D 142 14.59 -17.13 13.88
CA ARG D 142 13.15 -17.07 13.70
C ARG D 142 12.33 -17.53 14.91
N HIS D 143 12.91 -18.22 15.88
CA HIS D 143 12.06 -18.70 16.99
C HIS D 143 12.38 -18.07 18.33
N TRP D 144 13.62 -18.21 18.81
CA TRP D 144 14.04 -17.51 20.03
C TRP D 144 13.90 -16.01 19.84
N VAL D 145 14.10 -15.55 18.61
CA VAL D 145 14.15 -14.13 18.31
C VAL D 145 12.76 -13.48 18.28
N ARG D 146 11.76 -14.20 17.78
CA ARG D 146 10.40 -13.67 17.70
C ARG D 146 9.90 -13.19 19.06
N ARG D 147 10.43 -13.75 20.14
CA ARG D 147 10.05 -13.36 21.50
C ARG D 147 11.02 -12.29 21.96
N GLU D 148 10.73 -11.03 21.64
CA GLU D 148 11.51 -9.91 22.14
C GLU D 148 10.58 -8.79 22.61
N CYS D 149 9.31 -8.89 22.25
CA CYS D 149 8.32 -7.88 22.61
C CYS D 149 8.16 -7.75 24.12
N LYS D 154 13.64 -5.37 23.19
CA LYS D 154 14.78 -4.93 23.99
C LYS D 154 16.02 -4.75 23.12
N GLY D 155 17.18 -5.12 23.66
CA GLY D 155 18.42 -5.02 22.92
C GLY D 155 18.59 -6.12 21.90
N ILE D 156 18.64 -7.37 22.38
CA ILE D 156 18.75 -8.53 21.51
C ILE D 156 17.63 -8.52 20.47
N TYR D 157 18.00 -8.43 19.19
CA TYR D 157 16.99 -8.68 18.16
C TYR D 157 17.41 -9.71 17.12
N GLU D 158 18.52 -9.48 16.42
CA GLU D 158 18.84 -10.22 15.21
C GLU D 158 20.30 -10.68 15.24
N ILE D 159 20.77 -11.19 14.10
CA ILE D 159 22.14 -11.68 13.95
C ILE D 159 22.85 -10.92 12.84
N TYR D 160 22.30 -10.95 11.61
CA TYR D 160 22.82 -10.09 10.57
C TYR D 160 22.72 -8.62 10.96
N SER D 161 21.54 -8.21 11.45
CA SER D 161 21.40 -6.88 12.02
C SER D 161 22.35 -6.69 13.20
N LEU D 162 22.47 -7.72 14.03
CA LEU D 162 23.52 -7.73 15.06
C LEU D 162 24.87 -7.40 14.43
N ALA D 163 25.33 -8.25 13.51
CA ALA D 163 26.61 -8.04 12.81
C ALA D 163 26.80 -6.60 12.36
N LEU D 164 25.79 -6.01 11.74
CA LEU D 164 25.88 -4.61 11.32
C LEU D 164 26.09 -3.69 12.52
N VAL D 165 25.22 -3.80 13.53
CA VAL D 165 25.30 -3.01 14.75
C VAL D 165 26.69 -3.08 15.36
N THR D 166 27.18 -4.31 15.55
CA THR D 166 28.51 -4.52 16.12
C THR D 166 29.58 -3.88 15.25
N TRP D 167 29.43 -3.94 13.92
CA TRP D 167 30.33 -3.24 13.03
C TRP D 167 30.43 -1.76 13.37
N ARG D 168 29.45 -1.21 14.08
CA ARG D 168 29.59 0.14 14.65
C ARG D 168 30.27 0.08 16.01
N ASP D 169 31.38 -0.67 16.07
CA ASP D 169 32.33 -0.59 17.16
C ASP D 169 33.71 -0.60 16.52
N CYS D 170 33.69 -0.38 15.21
CA CYS D 170 34.88 -0.19 14.41
C CYS D 170 34.68 0.93 13.40
N LEU D 171 33.52 1.58 13.40
CA LEU D 171 33.24 2.66 12.45
C LEU D 171 33.04 3.99 13.16
N PHE D 172 32.05 4.11 14.05
CA PHE D 172 31.63 5.41 14.57
C PHE D 172 32.77 6.28 15.08
N ARG D 173 33.49 5.78 16.10
CA ARG D 173 34.67 6.48 16.61
C ARG D 173 35.95 6.12 15.86
N PRO D 174 36.27 4.82 15.68
CA PRO D 174 37.62 4.48 15.16
C PRO D 174 37.92 5.01 13.76
N LEU D 175 37.13 4.57 12.77
CA LEU D 175 37.50 4.74 11.38
C LEU D 175 36.75 5.87 10.69
N ASN D 176 35.52 6.17 11.14
CA ASN D 176 34.61 7.06 10.41
C ASN D 176 35.28 8.34 9.93
N LYS D 177 35.76 9.16 10.86
CA LYS D 177 36.56 10.33 10.53
C LYS D 177 37.73 10.01 9.61
N GLN D 178 38.60 9.09 10.04
CA GLN D 178 39.75 8.65 9.25
C GLN D 178 39.37 8.23 7.83
N VAL D 179 38.45 7.25 7.73
CA VAL D 179 38.05 6.71 6.44
C VAL D 179 37.43 7.81 5.57
N THR D 180 36.63 8.69 6.17
CA THR D 180 35.96 9.73 5.40
C THR D 180 36.96 10.78 4.93
N ASN D 181 37.99 11.07 5.73
CA ASN D 181 39.03 11.99 5.28
C ASN D 181 39.85 11.38 4.16
N ALA D 182 40.13 10.08 4.25
CA ALA D 182 40.74 9.36 3.13
C ALA D 182 39.92 9.50 1.85
N VAL D 183 38.62 9.19 1.93
CA VAL D 183 37.74 9.32 0.78
C VAL D 183 37.76 10.75 0.24
N LEU D 184 37.71 11.73 1.14
CA LEU D 184 37.74 13.13 0.72
C LEU D 184 39.06 13.49 0.06
N LYS D 185 40.16 12.90 0.53
CA LYS D 185 41.45 13.06 -0.15
C LYS D 185 41.37 12.55 -1.59
N LEU D 186 40.99 11.28 -1.75
CA LEU D 186 40.81 10.69 -3.07
C LEU D 186 39.91 11.54 -3.98
N ILE D 187 38.68 11.80 -3.54
CA ILE D 187 37.76 12.65 -4.30
C ILE D 187 38.35 14.02 -4.57
N GLU D 188 39.20 14.51 -3.66
CA GLU D 188 39.85 15.80 -3.85
C GLU D 188 40.84 15.77 -5.01
N LYS D 189 41.22 14.57 -5.47
CA LYS D 189 41.92 14.41 -6.74
C LYS D 189 40.92 14.48 -7.90
N GLU D 190 40.19 15.60 -7.96
CA GLU D 190 39.43 15.95 -9.16
C GLU D 190 40.34 16.60 -10.19
N ARG D 191 41.64 16.58 -9.92
CA ARG D 191 42.71 16.86 -10.87
C ARG D 191 43.04 15.54 -11.57
N ASN D 192 44.22 15.46 -12.17
CA ASN D 192 44.62 14.32 -13.00
C ASN D 192 44.65 13.00 -12.24
N GLY D 193 44.19 13.00 -10.99
CA GLY D 193 44.11 11.83 -10.14
C GLY D 193 43.53 10.58 -10.77
N GLU D 194 43.90 9.42 -10.22
CA GLU D 194 43.80 8.14 -10.91
C GLU D 194 42.43 7.49 -10.70
N THR D 195 42.14 6.50 -11.56
CA THR D 195 40.77 6.03 -11.77
C THR D 195 40.34 4.94 -10.80
N ILE D 196 41.24 4.04 -10.38
CA ILE D 196 40.79 2.76 -9.84
C ILE D 196 40.27 2.81 -8.40
N ASN D 197 40.65 3.83 -7.62
CA ASN D 197 40.17 3.94 -6.24
C ASN D 197 38.66 4.12 -6.14
N THR D 198 37.98 4.28 -7.28
CA THR D 198 36.53 4.18 -7.37
C THR D 198 35.99 3.02 -6.54
N ARG D 199 36.64 1.86 -6.65
CA ARG D 199 36.24 0.71 -5.84
C ARG D 199 36.28 1.04 -4.35
N LEU D 200 37.33 1.71 -3.89
CA LEU D 200 37.44 2.07 -2.48
C LEU D 200 36.33 3.00 -2.05
N ILE D 201 36.04 4.01 -2.88
CA ILE D 201 35.03 5.00 -2.51
C ILE D 201 33.63 4.38 -2.50
N SER D 202 33.32 3.60 -3.54
CA SER D 202 32.07 2.85 -3.57
C SER D 202 31.93 1.91 -2.38
N GLY D 203 33.02 1.25 -1.97
CA GLY D 203 32.96 0.38 -0.81
C GLY D 203 32.65 1.15 0.47
N VAL D 204 33.26 2.33 0.62
CA VAL D 204 33.01 3.17 1.78
C VAL D 204 31.55 3.61 1.80
N VAL D 205 31.09 4.19 0.69
CA VAL D 205 29.68 4.58 0.51
C VAL D 205 28.75 3.43 0.86
N GLN D 206 29.02 2.24 0.31
CA GLN D 206 28.25 1.04 0.60
C GLN D 206 28.15 0.75 2.09
N SER D 207 29.30 0.70 2.75
CA SER D 207 29.34 0.35 4.17
C SER D 207 28.63 1.40 5.02
N TYR D 208 28.68 2.67 4.61
CA TYR D 208 27.94 3.70 5.33
C TYR D 208 26.44 3.59 5.08
N VAL D 209 26.04 3.28 3.86
CA VAL D 209 24.61 3.21 3.52
C VAL D 209 23.95 2.03 4.23
N GLU D 210 24.58 0.86 4.15
CA GLU D 210 24.03 -0.29 4.86
C GLU D 210 24.17 -0.15 6.37
N LEU D 211 25.10 0.69 6.85
CA LEU D 211 25.14 1.03 8.26
C LEU D 211 24.12 2.08 8.63
N GLY D 212 23.34 2.59 7.66
CA GLY D 212 22.15 3.36 7.96
C GLY D 212 21.41 2.69 9.08
N LEU D 213 20.93 3.45 10.06
CA LEU D 213 20.72 2.91 11.40
C LEU D 213 19.63 1.84 11.36
N ASN D 214 20.06 0.61 11.61
CA ASN D 214 19.13 -0.51 11.78
C ASN D 214 18.52 -0.48 13.17
N GLU D 215 19.29 0.00 14.15
CA GLU D 215 18.97 -0.03 15.57
C GLU D 215 17.51 0.30 15.86
N ASP D 216 16.89 -0.49 16.74
CA ASP D 216 15.51 -0.29 17.15
C ASP D 216 14.56 -0.25 15.96
N LEU D 225 19.72 5.87 5.52
CA LEU D 225 20.55 6.91 4.92
C LEU D 225 20.90 7.99 5.93
N THR D 226 21.08 7.59 7.19
CA THR D 226 21.46 8.53 8.23
C THR D 226 22.97 8.56 8.40
N VAL D 227 23.58 7.40 8.67
CA VAL D 227 25.02 7.26 8.79
C VAL D 227 25.72 7.84 7.57
N TYR D 228 25.35 7.34 6.38
CA TYR D 228 25.90 7.85 5.12
C TYR D 228 25.83 9.38 5.04
N LYS D 229 24.76 9.97 5.57
CA LYS D 229 24.54 11.40 5.38
C LYS D 229 25.22 12.25 6.45
N GLU D 230 25.27 11.80 7.70
CA GLU D 230 25.92 12.56 8.75
C GLU D 230 27.43 12.39 8.72
N SER D 231 27.89 11.16 8.48
CA SER D 231 29.32 10.87 8.53
C SER D 231 30.05 11.39 7.30
N PHE D 232 29.46 11.18 6.11
CA PHE D 232 30.17 11.38 4.86
C PHE D 232 29.60 12.55 4.06
N GLU D 233 28.29 12.58 3.82
CA GLU D 233 27.71 13.53 2.88
C GLU D 233 27.99 14.98 3.27
N SER D 234 27.92 15.31 4.57
CA SER D 234 28.13 16.68 5.01
C SER D 234 29.55 17.15 4.69
N GLN D 235 30.55 16.44 5.20
CA GLN D 235 31.94 16.83 5.00
C GLN D 235 32.31 16.81 3.53
N PHE D 236 31.90 15.76 2.82
CA PHE D 236 32.09 15.69 1.37
C PHE D 236 31.55 16.94 0.67
N LEU D 237 30.30 17.32 0.97
CA LEU D 237 29.70 18.49 0.35
C LEU D 237 30.47 19.76 0.67
N ALA D 238 30.83 19.93 1.95
CA ALA D 238 31.63 21.09 2.36
C ALA D 238 32.93 21.18 1.57
N ASP D 239 33.69 20.08 1.58
CA ASP D 239 34.95 20.02 0.85
C ASP D 239 34.75 20.34 -0.63
N THR D 240 33.69 19.79 -1.24
CA THR D 240 33.43 20.04 -2.65
C THR D 240 33.12 21.52 -2.89
N GLU D 241 32.33 22.13 -2.02
CA GLU D 241 31.98 23.53 -2.18
C GLU D 241 33.20 24.43 -2.05
N ARG D 242 34.11 24.09 -1.12
CA ARG D 242 35.33 24.88 -0.98
C ARG D 242 36.27 24.69 -2.16
N PHE D 243 36.48 23.43 -2.56
CA PHE D 243 37.26 23.12 -3.75
C PHE D 243 36.76 23.93 -4.95
N TYR D 244 35.46 23.91 -5.19
CA TYR D 244 34.91 24.59 -6.35
C TYR D 244 34.88 26.10 -6.20
N THR D 245 34.80 26.63 -4.97
CA THR D 245 34.90 28.08 -4.82
C THR D 245 36.31 28.55 -5.11
N ARG D 246 37.32 27.86 -4.58
CA ARG D 246 38.71 28.20 -4.89
C ARG D 246 38.98 28.07 -6.38
N GLU D 247 38.53 26.96 -6.99
CA GLU D 247 38.78 26.74 -8.40
C GLU D 247 38.10 27.81 -9.26
N SER D 248 36.81 28.06 -9.02
CA SER D 248 36.06 29.12 -9.66
C SER D 248 36.76 30.46 -9.59
N THR D 249 37.11 30.92 -8.38
CA THR D 249 37.69 32.26 -8.26
C THR D 249 39.05 32.33 -8.97
N GLU D 250 39.91 31.33 -8.77
CA GLU D 250 41.18 31.27 -9.48
C GLU D 250 41.00 31.37 -10.99
N PHE D 251 40.08 30.56 -11.53
CA PHE D 251 39.87 30.52 -12.97
C PHE D 251 39.34 31.85 -13.48
N LEU D 252 38.28 32.36 -12.86
CA LEU D 252 37.67 33.61 -13.28
C LEU D 252 38.60 34.79 -13.03
N GLN D 253 39.68 34.56 -12.29
CA GLN D 253 40.73 35.56 -12.18
C GLN D 253 41.70 35.48 -13.35
N GLN D 254 42.18 34.28 -13.67
CA GLN D 254 43.21 34.12 -14.69
C GLN D 254 42.68 33.53 -16.00
N ASN D 255 41.37 33.61 -16.25
CA ASN D 255 40.81 33.13 -17.49
C ASN D 255 39.60 33.98 -17.83
N PRO D 256 39.26 34.10 -19.12
CA PRO D 256 38.02 34.78 -19.49
C PRO D 256 36.81 34.05 -18.93
N VAL D 257 35.76 34.83 -18.63
CA VAL D 257 34.50 34.28 -18.13
C VAL D 257 33.92 33.27 -19.12
N THR D 258 34.01 33.60 -20.41
CA THR D 258 33.48 32.68 -21.43
C THR D 258 34.48 31.60 -21.79
N GLU D 259 35.15 31.04 -20.78
CA GLU D 259 35.69 29.69 -20.80
C GLU D 259 35.43 29.13 -19.42
N TYR D 260 35.16 30.04 -18.48
CA TYR D 260 34.77 29.64 -17.14
C TYR D 260 33.40 29.00 -17.16
N MET D 261 32.49 29.52 -17.98
CA MET D 261 31.19 28.87 -18.16
C MET D 261 31.36 27.44 -18.67
N LYS D 262 32.22 27.25 -19.67
CA LYS D 262 32.44 25.90 -20.18
C LYS D 262 33.04 25.00 -19.11
N LYS D 263 33.97 25.53 -18.31
CA LYS D 263 34.60 24.71 -17.27
C LYS D 263 33.63 24.41 -16.14
N ALA D 264 32.74 25.35 -15.82
CA ALA D 264 31.71 25.11 -14.80
C ALA D 264 30.73 24.05 -15.25
N GLU D 265 30.28 24.14 -16.51
CA GLU D 265 29.39 23.11 -17.04
C GLU D 265 30.08 21.75 -17.07
N ALA D 266 31.36 21.72 -17.47
CA ALA D 266 32.12 20.47 -17.47
C ALA D 266 32.19 19.90 -16.06
N ARG D 267 32.49 20.73 -15.07
CA ARG D 267 32.58 20.28 -13.69
C ARG D 267 31.23 19.81 -13.15
N LEU D 268 30.14 20.48 -13.53
CA LEU D 268 28.81 20.04 -13.10
C LEU D 268 28.49 18.66 -13.66
N LEU D 269 28.70 18.47 -14.96
CA LEU D 269 28.51 17.15 -15.56
C LEU D 269 29.42 16.11 -14.91
N GLU D 270 30.69 16.46 -14.74
CA GLU D 270 31.66 15.64 -14.03
C GLU D 270 31.14 15.15 -12.67
N GLU D 271 30.66 16.08 -11.85
CA GLU D 271 30.17 15.72 -10.52
C GLU D 271 28.89 14.91 -10.58
N GLN D 272 28.00 15.17 -11.53
CA GLN D 272 26.84 14.31 -11.71
C GLN D 272 27.26 12.89 -12.03
N ARG D 273 28.17 12.74 -13.00
CA ARG D 273 28.68 11.42 -13.37
C ARG D 273 29.39 10.76 -12.20
N ARG D 274 30.10 11.55 -11.38
CA ARG D 274 30.83 10.99 -10.24
C ARG D 274 29.89 10.48 -9.16
N VAL D 275 28.79 11.20 -8.90
CA VAL D 275 27.77 10.69 -8.01
C VAL D 275 27.16 9.41 -8.57
N GLN D 276 27.00 9.36 -9.90
CA GLN D 276 26.48 8.15 -10.54
C GLN D 276 27.41 6.97 -10.33
N VAL D 277 28.72 7.17 -10.53
CA VAL D 277 29.67 6.06 -10.62
C VAL D 277 29.77 5.30 -9.29
N TYR D 278 30.10 6.00 -8.20
CA TYR D 278 30.43 5.29 -6.97
C TYR D 278 29.76 5.88 -5.72
N LEU D 279 29.04 6.98 -5.87
CA LEU D 279 28.33 7.59 -4.76
C LEU D 279 26.87 7.19 -4.76
N HIS D 280 26.24 7.33 -3.59
CA HIS D 280 24.81 7.05 -3.48
C HIS D 280 24.01 8.12 -4.22
N GLU D 281 22.96 7.68 -4.92
CA GLU D 281 22.18 8.60 -5.74
C GLU D 281 21.55 9.72 -4.90
N SER D 282 21.30 9.46 -3.62
CA SER D 282 20.74 10.48 -2.74
C SER D 282 21.59 11.75 -2.71
N THR D 283 22.86 11.65 -3.09
CA THR D 283 23.80 12.76 -3.06
C THR D 283 23.87 13.52 -4.38
N GLN D 284 22.77 13.58 -5.12
CA GLN D 284 22.75 14.21 -6.44
C GLN D 284 22.11 15.59 -6.41
N ASP D 285 20.83 15.69 -6.00
CA ASP D 285 20.13 16.95 -5.86
C ASP D 285 20.93 17.98 -5.06
N GLU D 286 21.23 17.66 -3.80
CA GLU D 286 22.00 18.52 -2.91
C GLU D 286 23.29 19.01 -3.53
N LEU D 287 24.16 18.08 -3.95
CA LEU D 287 25.40 18.43 -4.62
C LEU D 287 25.16 19.34 -5.81
N ALA D 288 24.15 19.03 -6.62
CA ALA D 288 23.85 19.86 -7.78
C ALA D 288 23.54 21.29 -7.35
N ARG D 289 22.72 21.46 -6.32
CA ARG D 289 22.41 22.78 -5.79
C ARG D 289 23.68 23.49 -5.34
N LYS D 290 24.49 22.81 -4.53
CA LYS D 290 25.74 23.37 -4.04
C LYS D 290 26.63 23.86 -5.18
N CYS D 291 26.85 22.99 -6.18
CA CYS D 291 27.77 23.33 -7.26
C CYS D 291 27.21 24.45 -8.13
N GLU D 292 25.91 24.42 -8.43
CA GLU D 292 25.29 25.51 -9.18
C GLU D 292 25.43 26.83 -8.45
N GLN D 293 25.13 26.85 -7.16
CA GLN D 293 25.33 28.05 -6.35
C GLN D 293 26.77 28.56 -6.45
N VAL D 294 27.73 27.68 -6.14
CA VAL D 294 29.14 28.06 -6.16
C VAL D 294 29.54 28.65 -7.51
N LEU D 295 29.25 27.92 -8.59
CA LEU D 295 29.83 28.20 -9.89
C LEU D 295 29.06 29.22 -10.73
N ILE D 296 27.77 29.42 -10.48
CA ILE D 296 26.96 30.21 -11.39
C ILE D 296 26.36 31.43 -10.71
N GLU D 297 26.12 31.34 -9.40
CA GLU D 297 25.40 32.38 -8.68
C GLU D 297 26.35 33.31 -7.94
N LYS D 298 27.33 32.76 -7.22
CA LYS D 298 28.36 33.56 -6.59
C LYS D 298 29.01 34.53 -7.58
N HIS D 299 29.08 34.14 -8.84
CA HIS D 299 29.71 34.93 -9.89
C HIS D 299 28.70 35.59 -10.83
N LEU D 300 27.41 35.57 -10.48
CA LEU D 300 26.38 36.13 -11.36
C LEU D 300 26.64 37.60 -11.73
N GLU D 301 27.53 38.30 -11.02
CA GLU D 301 27.81 39.69 -11.36
C GLU D 301 28.72 39.82 -12.58
N ILE D 302 29.84 39.09 -12.58
CA ILE D 302 30.67 39.02 -13.77
C ILE D 302 29.89 38.39 -14.91
N PHE D 303 29.00 37.46 -14.58
CA PHE D 303 28.10 36.90 -15.58
C PHE D 303 27.25 37.98 -16.24
N HIS D 304 26.59 38.82 -15.43
CA HIS D 304 25.80 39.95 -15.94
C HIS D 304 26.64 40.86 -16.84
N THR D 305 27.87 41.17 -16.40
CA THR D 305 28.72 42.06 -17.18
C THR D 305 29.11 41.43 -18.52
N GLU D 306 29.50 40.16 -18.49
CA GLU D 306 29.86 39.46 -19.73
C GLU D 306 28.63 39.30 -20.62
N PHE D 307 27.46 39.05 -20.03
CA PHE D 307 26.18 39.08 -20.71
C PHE D 307 26.07 40.34 -21.55
N GLN D 308 26.22 41.50 -20.91
CA GLN D 308 26.16 42.78 -21.63
C GLN D 308 27.21 42.85 -22.74
N ASN D 309 28.43 42.39 -22.45
CA ASN D 309 29.51 42.47 -23.43
C ASN D 309 29.21 41.60 -24.65
N LEU D 310 28.84 40.33 -24.42
CA LEU D 310 28.39 39.44 -25.47
C LEU D 310 27.27 40.07 -26.30
N LEU D 311 26.26 40.64 -25.62
CA LEU D 311 25.20 41.36 -26.30
C LEU D 311 25.76 42.44 -27.22
N ASP D 312 26.82 43.12 -26.78
CA ASP D 312 27.47 44.07 -27.68
C ASP D 312 28.14 43.36 -28.85
N ALA D 313 28.75 42.21 -28.59
CA ALA D 313 29.32 41.35 -29.63
C ALA D 313 28.24 40.44 -30.21
N ASP D 314 28.63 39.40 -30.95
CA ASP D 314 27.67 38.43 -31.47
C ASP D 314 28.12 37.01 -31.19
N LYS D 315 28.70 36.79 -30.01
CA LYS D 315 29.08 35.44 -29.57
C LYS D 315 27.87 34.65 -29.09
N ASN D 316 26.99 34.29 -30.03
CA ASN D 316 25.71 33.67 -29.70
C ASN D 316 25.88 32.48 -28.75
N GLU D 317 26.62 31.45 -29.17
CA GLU D 317 26.83 30.22 -28.41
C GLU D 317 27.15 30.49 -26.93
N ASP D 318 27.93 31.54 -26.68
CA ASP D 318 28.35 31.84 -25.31
C ASP D 318 27.18 32.38 -24.49
N LEU D 319 26.49 33.39 -25.01
CA LEU D 319 25.20 33.84 -24.49
C LEU D 319 24.27 32.67 -24.18
N GLY D 320 24.20 31.71 -25.11
CA GLY D 320 23.31 30.57 -24.92
C GLY D 320 23.70 29.71 -23.73
N ARG D 321 24.98 29.34 -23.66
CA ARG D 321 25.39 28.55 -22.50
C ARG D 321 25.40 29.37 -21.20
N MET D 322 25.35 30.70 -21.29
CA MET D 322 25.19 31.53 -20.10
C MET D 322 23.74 31.46 -19.61
N TYR D 323 22.79 31.67 -20.52
CA TYR D 323 21.38 31.49 -20.20
C TYR D 323 21.11 30.04 -19.77
N ASN D 324 22.02 29.13 -20.10
CA ASN D 324 21.89 27.74 -19.70
C ASN D 324 22.46 27.47 -18.32
N LEU D 325 23.52 28.18 -17.93
CA LEU D 325 24.00 28.09 -16.57
C LEU D 325 23.15 28.91 -15.61
N VAL D 326 22.77 30.12 -16.02
CA VAL D 326 22.03 31.03 -15.13
C VAL D 326 20.68 30.44 -14.77
N SER D 327 19.98 29.88 -15.77
CA SER D 327 18.69 29.23 -15.59
C SER D 327 18.65 28.34 -14.35
N ARG D 328 19.76 27.64 -14.09
CA ARG D 328 19.87 26.73 -12.96
C ARG D 328 19.92 27.46 -11.61
N ILE D 329 19.84 28.78 -11.59
CA ILE D 329 19.82 29.56 -10.36
C ILE D 329 18.47 30.26 -10.26
N GLN D 330 17.83 30.13 -9.09
CA GLN D 330 16.53 30.73 -8.82
C GLN D 330 16.50 32.21 -9.16
N ASP D 331 15.62 32.58 -10.10
CA ASP D 331 15.31 33.97 -10.44
C ASP D 331 16.54 34.83 -10.70
N GLY D 332 17.63 34.22 -11.15
CA GLY D 332 18.81 34.97 -11.54
C GLY D 332 18.74 35.58 -12.92
N LEU D 333 17.64 35.35 -13.65
CA LEU D 333 17.57 35.74 -15.06
C LEU D 333 17.04 37.15 -15.26
N GLY D 334 16.22 37.64 -14.34
CA GLY D 334 15.64 38.98 -14.43
C GLY D 334 16.59 40.07 -14.87
N GLU D 335 17.79 40.09 -14.29
CA GLU D 335 18.79 41.07 -14.68
C GLU D 335 19.20 40.88 -16.14
N LEU D 336 19.48 39.64 -16.53
CA LEU D 336 19.75 39.34 -17.93
C LEU D 336 18.59 39.77 -18.81
N LYS D 337 17.36 39.49 -18.36
CA LYS D 337 16.17 39.89 -19.11
C LYS D 337 16.17 41.39 -19.40
N LYS D 338 16.26 42.21 -18.34
CA LYS D 338 16.22 43.66 -18.53
C LYS D 338 17.41 44.16 -19.32
N LEU D 339 18.57 43.52 -19.18
CA LEU D 339 19.75 43.91 -19.95
C LEU D 339 19.52 43.67 -21.44
N LEU D 340 19.01 42.49 -21.79
CA LEU D 340 18.64 42.23 -23.18
C LEU D 340 17.63 43.25 -23.68
N GLU D 341 16.60 43.53 -22.87
CA GLU D 341 15.59 44.51 -23.26
C GLU D 341 16.22 45.85 -23.60
N THR D 342 17.07 46.36 -22.72
CA THR D 342 17.70 47.66 -22.94
C THR D 342 18.65 47.61 -24.14
N HIS D 343 19.40 46.53 -24.26
CA HIS D 343 20.35 46.38 -25.37
C HIS D 343 19.65 46.45 -26.71
N ILE D 344 18.59 45.66 -26.90
CA ILE D 344 17.93 45.66 -28.20
C ILE D 344 17.06 46.90 -28.41
N HIS D 345 16.62 47.56 -27.33
CA HIS D 345 15.98 48.85 -27.50
C HIS D 345 16.96 49.89 -28.03
N ASN D 346 18.15 49.95 -27.44
CA ASN D 346 19.19 50.85 -27.94
C ASN D 346 19.65 50.44 -29.34
N GLN D 347 19.60 49.16 -29.65
CA GLN D 347 19.96 48.68 -30.97
C GLN D 347 18.99 49.19 -32.02
N GLY D 348 17.69 49.00 -31.81
CA GLY D 348 16.70 49.56 -32.72
C GLY D 348 16.77 51.07 -32.83
N LEU D 349 17.07 51.74 -31.71
CA LEU D 349 17.19 53.20 -31.73
C LEU D 349 18.35 53.62 -32.63
N ALA D 350 19.54 53.07 -32.37
CA ALA D 350 20.70 53.42 -33.16
C ALA D 350 20.53 53.04 -34.62
N ALA D 351 19.91 51.87 -34.88
CA ALA D 351 19.60 51.46 -36.24
C ALA D 351 18.79 52.51 -37.00
N ILE D 352 17.57 52.80 -36.52
CA ILE D 352 16.72 53.72 -37.27
C ILE D 352 17.23 55.16 -37.19
N GLU D 353 18.16 55.46 -36.28
CA GLU D 353 18.79 56.78 -36.29
C GLU D 353 19.92 56.86 -37.31
N LYS D 354 20.65 55.76 -37.51
CA LYS D 354 21.53 55.64 -38.66
C LYS D 354 20.77 55.59 -39.96
N CYS D 355 19.46 55.33 -39.91
CA CYS D 355 18.65 55.27 -41.13
C CYS D 355 18.15 56.64 -41.56
N GLY D 356 17.29 57.27 -40.77
CA GLY D 356 16.59 58.47 -41.19
C GLY D 356 17.10 59.75 -40.53
N GLU D 357 17.56 60.67 -41.37
CA GLU D 357 17.61 62.09 -41.02
C GLU D 357 16.74 62.84 -42.03
N ALA D 358 16.99 62.60 -43.30
CA ALA D 358 16.07 62.96 -44.38
C ALA D 358 15.70 61.71 -45.17
N ALA D 359 15.86 60.55 -44.53
CA ALA D 359 15.49 59.27 -45.11
C ALA D 359 14.26 58.68 -44.45
N LEU D 360 13.65 59.39 -43.50
CA LEU D 360 12.33 59.02 -43.01
C LEU D 360 11.27 59.24 -44.08
N ASN D 361 11.61 59.93 -45.17
CA ASN D 361 10.78 59.97 -46.36
C ASN D 361 11.03 58.70 -47.17
N ASP D 362 10.92 57.55 -46.50
CA ASP D 362 11.07 56.25 -47.14
C ASP D 362 10.44 55.22 -46.21
N PRO D 363 9.11 55.08 -46.25
CA PRO D 363 8.42 54.08 -45.41
C PRO D 363 9.09 52.71 -45.38
N LYS D 364 9.42 52.19 -46.56
CA LYS D 364 9.99 50.85 -46.66
C LYS D 364 11.21 50.73 -45.78
N MET D 365 12.28 51.46 -46.10
CA MET D 365 13.53 51.41 -45.34
C MET D 365 13.31 51.39 -43.82
N TYR D 366 12.42 52.27 -43.33
CA TYR D 366 12.14 52.32 -41.90
C TYR D 366 11.52 51.01 -41.40
N VAL D 367 10.48 50.53 -42.08
CA VAL D 367 9.81 49.32 -41.62
C VAL D 367 10.73 48.11 -41.78
N GLN D 368 11.56 48.11 -42.82
CA GLN D 368 12.59 47.10 -43.03
C GLN D 368 13.52 47.05 -41.83
N THR D 369 14.25 48.14 -41.58
CA THR D 369 15.13 48.26 -40.41
C THR D 369 14.50 47.71 -39.14
N VAL D 370 13.28 48.18 -38.83
CA VAL D 370 12.58 47.69 -37.64
C VAL D 370 12.43 46.17 -37.68
N LEU D 371 12.00 45.65 -38.84
CA LEU D 371 11.74 44.22 -38.96
C LEU D 371 13.02 43.41 -38.87
N ASP D 372 14.09 43.87 -39.51
CA ASP D 372 15.44 43.33 -39.39
C ASP D 372 15.88 43.18 -37.95
N VAL D 373 15.84 44.27 -37.19
CA VAL D 373 16.19 44.23 -35.77
C VAL D 373 15.33 43.20 -35.05
N HIS D 374 14.02 43.28 -35.25
CA HIS D 374 13.08 42.36 -34.60
C HIS D 374 13.43 40.90 -34.92
N LYS D 375 13.69 40.61 -36.19
CA LYS D 375 14.00 39.25 -36.63
C LYS D 375 15.30 38.74 -36.02
N LYS D 376 16.36 39.54 -36.10
CA LYS D 376 17.63 39.16 -35.49
C LYS D 376 17.45 38.82 -34.02
N TYR D 377 16.78 39.69 -33.27
CA TYR D 377 16.68 39.43 -31.84
C TYR D 377 15.65 38.36 -31.50
N ASN D 378 14.66 38.14 -32.36
CA ASN D 378 13.76 37.01 -32.18
C ASN D 378 14.50 35.70 -32.39
N ALA D 379 15.33 35.62 -33.42
CA ALA D 379 16.21 34.48 -33.62
C ALA D 379 17.12 34.25 -32.42
N LEU D 380 17.70 35.33 -31.88
CA LEU D 380 18.57 35.20 -30.72
C LEU D 380 17.80 34.72 -29.49
N VAL D 381 16.55 35.16 -29.34
CA VAL D 381 15.71 34.68 -28.24
C VAL D 381 15.43 33.19 -28.41
N MET D 382 14.99 32.79 -29.61
CA MET D 382 14.66 31.39 -29.86
C MET D 382 15.86 30.48 -29.62
N SER D 383 16.94 30.71 -30.38
CA SER D 383 18.13 29.87 -30.31
C SER D 383 18.78 29.88 -28.93
N ALA D 384 19.27 31.06 -28.52
CA ALA D 384 20.06 31.15 -27.29
C ALA D 384 19.18 30.97 -26.05
N PHE D 385 18.13 31.79 -25.93
CA PHE D 385 17.37 31.89 -24.69
C PHE D 385 16.21 30.90 -24.63
N ASN D 386 16.25 29.84 -25.45
CA ASN D 386 15.27 28.75 -25.39
C ASN D 386 13.83 29.26 -25.43
N ASN D 387 13.62 30.40 -26.09
CA ASN D 387 12.29 31.00 -26.23
C ASN D 387 11.63 31.23 -24.86
N ASP D 388 12.44 31.53 -23.85
CA ASP D 388 11.93 31.76 -22.51
C ASP D 388 10.92 32.90 -22.49
N ALA D 389 9.87 32.73 -21.70
CA ALA D 389 8.81 33.74 -21.62
C ALA D 389 9.35 35.09 -21.17
N GLY D 390 10.27 35.10 -20.21
CA GLY D 390 10.87 36.35 -19.77
C GLY D 390 11.56 37.09 -20.90
N PHE D 391 12.29 36.36 -21.74
CA PHE D 391 13.05 36.99 -22.82
C PHE D 391 12.17 37.38 -23.99
N VAL D 392 11.15 36.58 -24.32
CA VAL D 392 10.16 37.01 -25.30
C VAL D 392 9.47 38.28 -24.84
N ALA D 393 9.12 38.34 -23.56
CA ALA D 393 8.51 39.54 -22.98
C ALA D 393 9.44 40.74 -23.10
N ALA D 394 10.71 40.56 -22.75
CA ALA D 394 11.68 41.65 -22.89
C ALA D 394 11.78 42.10 -24.34
N LEU D 395 11.78 41.16 -25.28
CA LEU D 395 11.80 41.48 -26.70
C LEU D 395 10.60 42.34 -27.07
N ASP D 396 9.40 41.89 -26.69
CA ASP D 396 8.17 42.62 -27.01
C ASP D 396 8.20 44.03 -26.44
N LYS D 397 8.49 44.15 -25.16
CA LYS D 397 8.61 45.46 -24.51
C LYS D 397 9.58 46.38 -25.24
N ALA D 398 10.82 45.92 -25.42
CA ALA D 398 11.83 46.75 -26.07
C ALA D 398 11.44 47.12 -27.49
N CYS D 399 10.72 46.24 -28.19
CA CYS D 399 10.21 46.61 -29.51
C CYS D 399 9.14 47.70 -29.40
N GLY D 400 8.24 47.57 -28.43
CA GLY D 400 7.23 48.59 -28.22
C GLY D 400 7.78 49.85 -27.60
N ARG D 401 9.10 49.87 -27.35
CA ARG D 401 9.75 51.03 -26.74
C ARG D 401 10.64 51.78 -27.73
N PHE D 402 10.63 51.39 -29.00
CA PHE D 402 11.39 52.15 -29.98
C PHE D 402 10.57 52.44 -31.24
N ILE D 403 9.52 51.67 -31.48
CA ILE D 403 8.76 51.79 -32.71
C ILE D 403 8.04 53.13 -32.85
N ASN D 404 7.65 53.76 -31.73
CA ASN D 404 6.81 54.96 -31.78
C ASN D 404 7.41 56.08 -30.94
N ASN D 405 8.73 56.10 -30.78
CA ASN D 405 9.37 57.16 -30.01
C ASN D 405 10.68 57.63 -30.66
N ASN D 406 10.75 57.58 -31.98
CA ASN D 406 12.01 57.77 -32.68
C ASN D 406 12.03 59.08 -33.47
N ALA D 407 13.14 59.30 -34.19
CA ALA D 407 13.34 60.53 -34.94
C ALA D 407 12.41 60.65 -36.14
N VAL D 408 11.69 59.60 -36.51
CA VAL D 408 10.69 59.70 -37.57
C VAL D 408 9.41 60.36 -37.06
N THR D 409 9.21 60.40 -35.74
CA THR D 409 8.02 60.99 -35.14
C THR D 409 8.38 62.30 -34.43
N LYS D 410 9.38 62.29 -33.56
CA LYS D 410 9.85 63.50 -32.88
C LYS D 410 10.07 64.66 -33.84
#